data_6KJC
#
_entry.id   6KJC
#
_cell.length_a   129.576
_cell.length_b   129.576
_cell.length_c   272.664
_cell.angle_alpha   90.000
_cell.angle_beta   90.000
_cell.angle_gamma   120.000
#
_symmetry.space_group_name_H-M   'P 65 2 2'
#
loop_
_entity.id
_entity.type
_entity.pdbx_description
1 polymer 'Pc15g00720 protein'
2 non-polymer 'FORMIC ACID'
3 water water
#
_entity_poly.entity_id   1
_entity_poly.type   'polypeptide(L)'
_entity_poly.pdbx_seq_one_letter_code
;MRGSHHHHHHGMASELALMDTTFQAAIDTGKINGAVVCATDAQGHFVYNKATGERTLLSGEKQPQQLDDVLYLASATKLI
TTIAALQCVEDGLLSLDGDLSSIAPELAAKYVLTGFTDDESPLDDPPARPITLKMLLTHSSGTSYHFLDPSIAKWRAQYA
NPENEKPRLVEEMFTYPLSFQPGTGWMYGPGLDWAGRVVERVTGGTLMEFMQKRIFDPLGITDSQFYPVTREDLRARLVD
LNPSDPGALGSAVIGGGGEMNLRGRGAFGGHGLFLTGLDFVKILRSLLANDGMLLKPAAVDNMFQQHLGPEAAASHRAAL
ASPLGPFFRVGTDPETKVGYGLGGLLTLEDVDGWYGERTLTWGGGLTLTWFIDRKNNLCGVGAIQAVLPVDGDLMADLKQ
TFRHDIYRKYSAWKGQQ
;
_entity_poly.pdbx_strand_id   A,B
#
# COMPACT_ATOMS: atom_id res chain seq x y z
N HIS A 5 -13.58 -1.62 20.41
CA HIS A 5 -12.79 -1.43 21.60
C HIS A 5 -13.65 -1.65 22.83
N HIS A 6 -14.91 -1.96 22.60
CA HIS A 6 -15.84 -2.19 23.71
C HIS A 6 -16.62 -3.48 23.44
N HIS A 7 -17.06 -4.12 24.52
CA HIS A 7 -17.84 -5.36 24.40
C HIS A 7 -19.26 -5.04 23.93
N HIS A 8 -19.59 -5.48 22.72
CA HIS A 8 -20.94 -5.37 22.14
C HIS A 8 -21.67 -6.71 22.23
N HIS A 9 -21.53 -7.41 23.36
CA HIS A 9 -22.11 -8.74 23.49
C HIS A 9 -23.61 -8.71 23.76
N HIS A 10 -24.11 -7.66 24.41
CA HIS A 10 -25.52 -7.61 24.75
C HIS A 10 -26.05 -6.18 24.75
N GLY A 11 -27.15 -5.98 24.03
CA GLY A 11 -27.72 -4.67 23.80
C GLY A 11 -28.72 -4.76 22.66
N MET A 12 -28.97 -3.62 22.01
CA MET A 12 -30.03 -3.63 21.00
C MET A 12 -29.66 -4.43 19.76
N ALA A 13 -28.36 -4.57 19.45
CA ALA A 13 -27.98 -5.48 18.37
C ALA A 13 -28.29 -6.92 18.74
N SER A 14 -28.14 -7.24 20.03
CA SER A 14 -28.29 -8.61 20.52
C SER A 14 -29.75 -9.03 20.54
N GLU A 15 -30.64 -8.11 20.93
CA GLU A 15 -32.02 -8.43 21.31
C GLU A 15 -33.08 -7.92 20.34
N LEU A 16 -32.78 -6.88 19.55
CA LEU A 16 -33.79 -6.22 18.72
C LEU A 16 -33.45 -6.20 17.25
N ALA A 17 -32.18 -5.99 16.88
CA ALA A 17 -31.83 -5.58 15.54
C ALA A 17 -32.15 -6.65 14.51
N LEU A 18 -32.73 -6.24 13.39
CA LEU A 18 -32.98 -7.13 12.26
C LEU A 18 -32.04 -6.77 11.12
N MET A 19 -31.52 -7.78 10.43
CA MET A 19 -30.54 -7.52 9.38
C MET A 19 -31.13 -6.64 8.29
N ASP A 20 -32.30 -7.03 7.77
CA ASP A 20 -32.95 -6.30 6.68
C ASP A 20 -33.00 -4.81 6.99
N THR A 21 -33.50 -4.49 8.17
CA THR A 21 -33.64 -3.10 8.56
C THR A 21 -32.30 -2.45 8.88
N THR A 22 -31.43 -3.16 9.60
CA THR A 22 -30.22 -2.52 10.12
C THR A 22 -29.20 -2.29 9.00
N PHE A 23 -29.00 -3.29 8.14
CA PHE A 23 -28.06 -3.14 7.04
C PHE A 23 -28.51 -2.00 6.14
N GLN A 24 -29.79 -2.03 5.76
CA GLN A 24 -30.30 -1.01 4.87
C GLN A 24 -30.12 0.39 5.46
N ALA A 25 -30.32 0.54 6.76
CA ALA A 25 -30.05 1.82 7.39
C ALA A 25 -28.58 2.16 7.31
N ALA A 26 -27.71 1.16 7.48
CA ALA A 26 -26.27 1.43 7.43
C ALA A 26 -25.85 1.90 6.04
N ILE A 27 -26.50 1.35 5.01
CA ILE A 27 -26.21 1.78 3.64
C ILE A 27 -26.57 3.25 3.47
N ASP A 28 -27.85 3.58 3.68
CA ASP A 28 -28.31 4.96 3.52
C ASP A 28 -27.59 5.93 4.45
N THR A 29 -27.05 5.45 5.56
CA THR A 29 -26.17 6.29 6.36
C THR A 29 -24.87 6.54 5.64
N GLY A 30 -24.54 5.73 4.64
CA GLY A 30 -23.25 5.80 3.99
C GLY A 30 -22.09 5.23 4.78
N LYS A 31 -22.35 4.35 5.77
CA LYS A 31 -21.26 3.76 6.52
C LYS A 31 -20.90 2.35 6.05
N ILE A 32 -21.76 1.71 5.27
CA ILE A 32 -21.42 0.48 4.56
C ILE A 32 -21.94 0.62 3.14
N ASN A 33 -21.48 -0.26 2.25
CA ASN A 33 -22.03 -0.31 0.90
C ASN A 33 -22.97 -1.47 0.70
N GLY A 34 -22.77 -2.54 1.44
CA GLY A 34 -23.61 -3.70 1.31
C GLY A 34 -23.14 -4.80 2.23
N ALA A 35 -23.68 -5.99 1.99
CA ALA A 35 -23.35 -7.12 2.83
C ALA A 35 -23.60 -8.41 2.05
N VAL A 36 -22.95 -9.46 2.50
CA VAL A 36 -23.20 -10.80 1.98
C VAL A 36 -23.34 -11.72 3.18
N VAL A 37 -24.48 -12.41 3.27
CA VAL A 37 -24.80 -13.32 4.36
C VAL A 37 -25.13 -14.68 3.79
N CYS A 38 -24.56 -15.74 4.35
CA CYS A 38 -24.87 -17.10 3.90
C CYS A 38 -24.93 -18.01 5.12
N ALA A 39 -26.07 -18.69 5.31
CA ALA A 39 -26.24 -19.59 6.44
C ALA A 39 -26.99 -20.83 5.97
N THR A 40 -26.77 -21.94 6.67
CA THR A 40 -27.37 -23.21 6.27
C THR A 40 -27.31 -24.18 7.42
N ASP A 41 -28.23 -25.14 7.41
CA ASP A 41 -28.14 -26.29 8.28
C ASP A 41 -27.34 -27.36 7.56
N ALA A 42 -27.20 -28.53 8.18
CA ALA A 42 -26.31 -29.55 7.63
C ALA A 42 -26.80 -30.10 6.29
N GLN A 43 -28.12 -30.12 6.07
CA GLN A 43 -28.70 -30.79 4.92
C GLN A 43 -29.14 -29.82 3.83
N GLY A 44 -29.04 -28.52 4.06
CA GLY A 44 -29.58 -27.57 3.13
C GLY A 44 -31.09 -27.44 3.19
N HIS A 45 -31.70 -27.80 4.32
CA HIS A 45 -33.13 -27.58 4.51
C HIS A 45 -33.35 -26.10 4.75
N PHE A 46 -32.95 -25.61 5.91
CA PHE A 46 -32.92 -24.17 6.13
C PHE A 46 -31.68 -23.58 5.47
N VAL A 47 -31.90 -22.58 4.61
CA VAL A 47 -30.83 -21.91 3.89
C VAL A 47 -31.21 -20.44 3.74
N TYR A 48 -30.35 -19.54 4.23
CA TYR A 48 -30.54 -18.09 4.07
C TYR A 48 -29.32 -17.48 3.38
N ASN A 49 -29.50 -16.97 2.15
CA ASN A 49 -28.45 -16.30 1.37
C ASN A 49 -28.94 -14.94 0.92
N LYS A 50 -28.31 -13.88 1.40
CA LYS A 50 -28.76 -12.54 1.04
C LYS A 50 -27.57 -11.64 0.74
N ALA A 51 -27.51 -11.11 -0.48
CA ALA A 51 -26.60 -10.03 -0.85
C ALA A 51 -27.37 -8.72 -0.91
N THR A 52 -26.92 -7.74 -0.16
CA THR A 52 -27.58 -6.46 -0.01
C THR A 52 -26.61 -5.35 -0.40
N GLY A 53 -27.13 -4.31 -1.08
CA GLY A 53 -26.34 -3.10 -1.32
C GLY A 53 -25.63 -3.09 -2.67
N GLU A 54 -24.59 -2.25 -2.75
CA GLU A 54 -23.88 -1.97 -3.99
C GLU A 54 -22.37 -2.20 -3.86
N ARG A 55 -21.74 -2.59 -4.97
CA ARG A 55 -20.29 -2.52 -5.12
C ARG A 55 -19.93 -1.52 -6.21
N THR A 56 -18.72 -0.99 -6.13
CA THR A 56 -18.20 -0.05 -7.11
C THR A 56 -16.98 -0.62 -7.80
N LEU A 57 -16.96 -0.55 -9.14
CA LEU A 57 -15.80 -1.01 -9.88
C LEU A 57 -14.71 0.07 -9.90
N LEU A 58 -13.52 -0.35 -10.34
CA LEU A 58 -12.40 0.59 -10.41
C LEU A 58 -12.72 1.75 -11.34
N SER A 59 -13.41 1.44 -12.44
CA SER A 59 -13.87 2.47 -13.35
C SER A 59 -14.82 3.49 -12.71
N GLY A 60 -15.43 3.16 -11.58
CA GLY A 60 -16.43 3.99 -10.96
C GLY A 60 -17.87 3.56 -11.21
N GLU A 61 -18.09 2.61 -12.13
CA GLU A 61 -19.42 2.07 -12.35
C GLU A 61 -19.90 1.28 -11.14
N LYS A 62 -21.20 1.38 -10.85
CA LYS A 62 -21.80 0.71 -9.70
C LYS A 62 -22.62 -0.50 -10.12
N GLN A 63 -22.61 -1.53 -9.29
CA GLN A 63 -23.40 -2.73 -9.50
C GLN A 63 -24.09 -3.17 -8.22
N PRO A 64 -25.26 -3.77 -8.34
CA PRO A 64 -25.86 -4.42 -7.17
C PRO A 64 -24.94 -5.51 -6.65
N GLN A 65 -24.79 -5.54 -5.32
CA GLN A 65 -24.10 -6.63 -4.62
C GLN A 65 -24.72 -7.97 -4.99
N GLN A 66 -23.90 -9.02 -5.00
CA GLN A 66 -24.40 -10.30 -5.47
C GLN A 66 -23.74 -11.45 -4.73
N LEU A 67 -24.45 -12.58 -4.65
CA LEU A 67 -23.96 -13.67 -3.83
C LEU A 67 -22.64 -14.25 -4.34
N ASP A 68 -22.30 -14.09 -5.62
CA ASP A 68 -21.04 -14.62 -6.11
C ASP A 68 -19.95 -13.56 -6.24
N ASP A 69 -20.15 -12.38 -5.65
CA ASP A 69 -19.06 -11.42 -5.57
C ASP A 69 -17.88 -12.05 -4.85
N VAL A 70 -16.67 -11.75 -5.32
CA VAL A 70 -15.49 -12.29 -4.66
C VAL A 70 -15.13 -11.39 -3.49
N LEU A 71 -15.02 -11.98 -2.29
CA LEU A 71 -14.83 -11.24 -1.07
C LEU A 71 -13.43 -11.49 -0.50
N TYR A 72 -12.93 -10.53 0.28
CA TYR A 72 -11.69 -10.70 1.02
C TYR A 72 -12.00 -11.36 2.36
N LEU A 73 -11.44 -12.56 2.58
CA LEU A 73 -11.70 -13.27 3.82
C LEU A 73 -10.92 -12.71 4.99
N ALA A 74 -9.76 -12.11 4.74
CA ALA A 74 -8.81 -11.73 5.80
C ALA A 74 -8.63 -12.94 6.73
N SER A 75 -8.76 -12.77 8.06
CA SER A 75 -8.45 -13.89 8.95
C SER A 75 -9.40 -15.07 8.85
N ALA A 76 -10.50 -14.97 8.10
CA ALA A 76 -11.24 -16.20 7.85
C ALA A 76 -10.43 -17.22 7.06
N THR A 77 -9.29 -16.82 6.50
CA THR A 77 -8.39 -17.77 5.85
C THR A 77 -7.89 -18.78 6.87
N LYS A 78 -7.76 -18.35 8.13
CA LYS A 78 -7.18 -19.21 9.16
C LYS A 78 -7.95 -20.53 9.27
N LEU A 79 -9.28 -20.48 9.16
CA LEU A 79 -10.05 -21.73 9.20
C LEU A 79 -9.67 -22.64 8.05
N ILE A 80 -9.58 -22.07 6.84
CA ILE A 80 -9.22 -22.87 5.68
C ILE A 80 -7.77 -23.38 5.78
N THR A 81 -6.86 -22.58 6.31
CA THR A 81 -5.51 -23.10 6.50
C THR A 81 -5.49 -24.23 7.53
N THR A 82 -6.21 -24.03 8.65
CA THR A 82 -6.36 -25.11 9.64
C THR A 82 -6.78 -26.42 8.99
N ILE A 83 -7.77 -26.37 8.09
CA ILE A 83 -8.20 -27.61 7.43
C ILE A 83 -7.06 -28.22 6.62
N ALA A 84 -6.38 -27.41 5.80
CA ALA A 84 -5.29 -27.94 4.99
C ALA A 84 -4.23 -28.57 5.87
N ALA A 85 -3.95 -27.97 7.03
CA ALA A 85 -2.99 -28.55 7.95
C ALA A 85 -3.51 -29.89 8.48
N LEU A 86 -4.77 -29.93 8.91
CA LEU A 86 -5.31 -31.20 9.38
C LEU A 86 -5.36 -32.24 8.27
N GLN A 87 -5.54 -31.79 7.01
CA GLN A 87 -5.49 -32.72 5.89
C GLN A 87 -4.09 -33.34 5.74
N CYS A 88 -3.03 -32.62 6.13
CA CYS A 88 -1.71 -33.23 6.06
C CYS A 88 -1.50 -34.21 7.20
N VAL A 89 -2.17 -33.98 8.33
CA VAL A 89 -2.13 -34.94 9.44
C VAL A 89 -2.83 -36.22 9.05
N GLU A 90 -3.95 -36.11 8.32
CA GLU A 90 -4.60 -37.32 7.83
C GLU A 90 -3.65 -38.15 6.99
N ASP A 91 -2.97 -37.50 6.04
CA ASP A 91 -2.00 -38.18 5.18
C ASP A 91 -0.77 -38.68 5.93
N GLY A 92 -0.59 -38.32 7.20
CA GLY A 92 0.59 -38.72 7.91
C GLY A 92 1.85 -37.94 7.58
N LEU A 93 1.75 -36.88 6.76
CA LEU A 93 2.92 -36.02 6.54
C LEU A 93 3.26 -35.23 7.80
N LEU A 94 2.28 -34.98 8.66
CA LEU A 94 2.52 -34.27 9.91
C LEU A 94 1.82 -35.00 11.05
N SER A 95 1.85 -34.36 12.21
CA SER A 95 1.18 -34.79 13.42
C SER A 95 0.98 -33.55 14.27
N LEU A 96 -0.04 -33.58 15.13
CA LEU A 96 -0.33 -32.36 15.86
C LEU A 96 0.70 -32.05 16.94
N ASP A 97 1.43 -33.06 17.43
CA ASP A 97 2.33 -32.83 18.55
C ASP A 97 3.79 -33.02 18.20
N GLY A 98 4.10 -33.36 16.94
CA GLY A 98 5.48 -33.56 16.54
C GLY A 98 6.31 -32.28 16.57
N ASP A 99 7.61 -32.46 16.72
CA ASP A 99 8.54 -31.35 16.63
C ASP A 99 8.70 -30.91 15.18
N LEU A 100 8.46 -29.62 14.91
CA LEU A 100 8.56 -29.13 13.55
C LEU A 100 9.94 -28.62 13.18
N SER A 101 10.92 -28.72 14.08
CA SER A 101 12.25 -28.14 13.87
C SER A 101 12.82 -28.52 12.50
N SER A 102 12.73 -29.80 12.12
CA SER A 102 13.17 -30.23 10.80
C SER A 102 12.51 -29.43 9.67
N ILE A 103 11.18 -29.33 9.69
CA ILE A 103 10.46 -28.72 8.56
C ILE A 103 10.57 -27.19 8.60
N ALA A 104 10.39 -26.59 9.77
CA ALA A 104 10.43 -25.14 9.90
C ALA A 104 11.49 -24.79 10.94
N PRO A 105 12.76 -24.93 10.58
CA PRO A 105 13.83 -24.57 11.53
C PRO A 105 13.72 -23.15 12.06
N GLU A 106 13.13 -22.22 11.30
CA GLU A 106 13.04 -20.84 11.79
C GLU A 106 12.28 -20.76 13.11
N LEU A 107 11.31 -21.63 13.35
CA LEU A 107 10.58 -21.49 14.60
C LEU A 107 11.36 -22.09 15.77
N ALA A 108 12.11 -23.17 15.52
CA ALA A 108 12.97 -23.72 16.57
C ALA A 108 14.05 -22.71 16.99
N ALA A 109 14.51 -21.90 16.03
CA ALA A 109 15.56 -20.91 16.28
C ALA A 109 15.08 -19.70 17.05
N LYS A 110 13.80 -19.60 17.36
CA LYS A 110 13.27 -18.42 18.03
C LYS A 110 13.46 -18.52 19.55
N TYR A 111 13.89 -17.43 20.16
CA TYR A 111 13.97 -17.35 21.62
C TYR A 111 12.71 -16.68 22.14
N VAL A 112 12.52 -16.74 23.46
CA VAL A 112 11.35 -16.17 24.10
C VAL A 112 11.78 -14.83 24.70
N LEU A 113 11.26 -13.73 24.17
CA LEU A 113 11.62 -12.42 24.70
C LEU A 113 10.98 -12.24 26.09
N THR A 114 11.82 -11.94 27.08
CA THR A 114 11.38 -11.84 28.47
C THR A 114 11.25 -10.42 28.97
N GLY A 115 11.89 -9.46 28.33
CA GLY A 115 11.86 -8.08 28.77
C GLY A 115 13.05 -7.35 28.19
N PHE A 116 13.26 -6.14 28.69
CA PHE A 116 14.34 -5.30 28.20
C PHE A 116 15.20 -4.75 29.34
N THR A 117 16.45 -4.49 28.98
CA THR A 117 17.41 -3.76 29.80
C THR A 117 16.95 -2.33 30.04
N ASP A 118 17.84 -1.54 30.64
CA ASP A 118 17.79 -0.09 30.56
C ASP A 118 18.71 0.44 29.47
N ASP A 119 19.58 -0.43 28.94
CA ASP A 119 20.27 -0.24 27.67
C ASP A 119 19.31 -0.40 26.50
N GLU A 120 18.10 -0.88 26.77
CA GLU A 120 17.06 -1.17 25.76
C GLU A 120 17.56 -2.23 24.77
N SER A 121 17.87 -3.41 25.32
CA SER A 121 18.30 -4.58 24.57
C SER A 121 17.60 -5.78 25.10
N PRO A 122 17.29 -6.79 24.27
CA PRO A 122 16.36 -7.86 24.63
C PRO A 122 16.97 -8.88 25.59
N LEU A 123 16.24 -9.22 26.64
CA LEU A 123 16.50 -10.44 27.40
C LEU A 123 15.65 -11.58 26.86
N ASP A 124 16.28 -12.74 26.67
CA ASP A 124 15.65 -13.90 26.03
C ASP A 124 15.76 -15.09 26.97
N ASP A 125 15.17 -16.20 26.54
CA ASP A 125 15.15 -17.50 27.21
C ASP A 125 14.97 -18.48 26.08
N PRO A 126 15.66 -19.61 26.09
CA PRO A 126 15.45 -20.57 25.03
C PRO A 126 14.14 -21.32 25.23
N PRO A 127 13.58 -21.88 24.17
CA PRO A 127 12.28 -22.55 24.29
C PRO A 127 12.35 -23.82 25.12
N ALA A 128 11.47 -23.91 26.11
CA ALA A 128 11.45 -25.09 26.96
C ALA A 128 11.09 -26.35 26.17
N ARG A 129 10.52 -26.21 24.97
CA ARG A 129 10.07 -27.37 24.21
C ARG A 129 9.96 -26.97 22.74
N PRO A 130 9.91 -27.94 21.83
CA PRO A 130 9.70 -27.60 20.43
C PRO A 130 8.28 -27.10 20.17
N ILE A 131 8.16 -26.26 19.12
CA ILE A 131 6.87 -25.72 18.69
C ILE A 131 6.22 -26.72 17.76
N THR A 132 4.92 -26.96 17.95
CA THR A 132 4.20 -28.01 17.25
C THR A 132 3.10 -27.43 16.37
N LEU A 133 2.68 -28.23 15.39
CA LEU A 133 1.57 -27.81 14.53
C LEU A 133 0.35 -27.40 15.36
N LYS A 134 0.03 -28.18 16.40
CA LYS A 134 -1.13 -27.88 17.22
C LYS A 134 -1.01 -26.52 17.90
N MET A 135 0.21 -26.12 18.27
CA MET A 135 0.37 -24.82 18.88
C MET A 135 0.25 -23.73 17.85
N LEU A 136 0.60 -24.03 16.61
CA LEU A 136 0.38 -23.11 15.52
C LEU A 136 -1.10 -22.85 15.31
N LEU A 137 -1.91 -23.92 15.30
CA LEU A 137 -3.33 -23.75 15.01
C LEU A 137 -4.13 -23.16 16.19
N THR A 138 -3.57 -23.13 17.40
CA THR A 138 -4.30 -22.68 18.58
C THR A 138 -3.74 -21.39 19.16
N HIS A 139 -2.83 -20.71 18.44
CA HIS A 139 -2.23 -19.45 18.88
C HIS A 139 -1.60 -19.58 20.26
N SER A 140 -0.96 -20.72 20.49
CA SER A 140 -0.23 -21.00 21.71
C SER A 140 1.22 -21.36 21.42
N SER A 141 1.70 -21.02 20.22
CA SER A 141 3.11 -21.20 19.89
C SER A 141 3.98 -20.18 20.60
N GLY A 142 3.46 -18.97 20.82
CA GLY A 142 4.22 -17.84 21.28
C GLY A 142 4.38 -16.77 20.23
N THR A 143 4.17 -17.10 18.96
CA THR A 143 4.24 -16.10 17.90
C THR A 143 3.01 -15.19 17.96
N SER A 144 3.24 -13.88 18.08
CA SER A 144 2.17 -12.89 18.21
C SER A 144 2.28 -11.82 17.13
N TYR A 145 1.12 -11.31 16.74
CA TYR A 145 1.10 -10.09 15.96
C TYR A 145 1.71 -8.97 16.79
N HIS A 146 2.62 -8.21 16.18
CA HIS A 146 3.32 -7.17 16.95
C HIS A 146 2.36 -6.13 17.51
N PHE A 147 1.22 -5.89 16.88
CA PHE A 147 0.29 -4.91 17.43
C PHE A 147 -0.55 -5.45 18.58
N LEU A 148 -0.32 -6.67 19.05
CA LEU A 148 -1.03 -7.17 20.21
C LEU A 148 -0.11 -7.47 21.38
N ASP A 149 1.20 -7.45 21.16
CA ASP A 149 2.18 -7.54 22.24
C ASP A 149 3.17 -6.40 22.07
N PRO A 150 3.01 -5.33 22.86
CA PRO A 150 3.97 -4.19 22.80
C PRO A 150 5.45 -4.60 22.76
N SER A 151 5.84 -5.58 23.58
CA SER A 151 7.21 -6.07 23.57
C SER A 151 7.65 -6.40 22.14
N ILE A 152 6.88 -7.24 21.45
CA ILE A 152 7.23 -7.60 20.07
C ILE A 152 7.22 -6.36 19.20
N ALA A 153 6.35 -5.40 19.47
CA ALA A 153 6.34 -4.16 18.68
C ALA A 153 7.61 -3.36 18.93
N LYS A 154 8.00 -3.21 20.20
CA LYS A 154 9.25 -2.54 20.53
C LYS A 154 10.43 -3.23 19.87
N TRP A 155 10.59 -4.53 20.15
CA TRP A 155 11.67 -5.30 19.55
C TRP A 155 11.70 -5.14 18.03
N ARG A 156 10.52 -5.13 17.40
CA ARG A 156 10.46 -5.06 15.95
C ARG A 156 10.91 -3.70 15.42
N ALA A 157 10.69 -2.65 16.20
CA ALA A 157 11.08 -1.30 15.80
C ALA A 157 12.58 -1.09 16.00
N GLN A 158 13.09 -1.53 17.16
CA GLN A 158 14.53 -1.47 17.45
C GLN A 158 15.34 -2.18 16.36
N TYR A 159 15.07 -3.46 16.14
CA TYR A 159 15.67 -4.18 15.02
C TYR A 159 14.95 -3.78 13.74
N ALA A 160 15.09 -2.47 13.43
CA ALA A 160 14.31 -1.81 12.37
C ALA A 160 14.43 -2.57 11.06
N ASN A 161 13.31 -2.63 10.34
CA ASN A 161 13.33 -3.28 9.04
C ASN A 161 13.97 -2.32 8.04
N PRO A 162 15.12 -2.69 7.41
CA PRO A 162 15.98 -1.70 6.73
C PRO A 162 15.31 -0.92 5.58
N GLU A 163 14.01 -1.14 5.38
CA GLU A 163 13.23 -0.51 4.30
C GLU A 163 13.77 -0.90 2.92
N ASN A 164 14.33 -2.11 2.82
CA ASN A 164 14.61 -2.80 1.55
C ASN A 164 13.30 -3.37 1.00
N GLU A 165 12.45 -2.48 0.56
CA GLU A 165 11.10 -2.86 0.23
C GLU A 165 11.05 -3.87 -0.89
N LYS A 166 10.99 -5.12 -0.51
CA LYS A 166 10.90 -6.23 -1.43
C LYS A 166 9.86 -7.15 -0.80
N PRO A 167 8.89 -7.62 -1.56
CA PRO A 167 7.90 -8.54 -1.01
C PRO A 167 8.56 -9.73 -0.30
N ARG A 168 8.08 -10.02 0.91
CA ARG A 168 8.68 -11.05 1.75
C ARG A 168 7.72 -12.23 1.93
N LEU A 169 8.28 -13.43 1.98
CA LEU A 169 7.57 -14.63 2.36
C LEU A 169 7.27 -14.60 3.85
N VAL A 170 6.51 -15.61 4.29
CA VAL A 170 6.10 -15.71 5.69
C VAL A 170 7.32 -15.71 6.60
N GLU A 171 8.30 -16.58 6.32
CA GLU A 171 9.48 -16.66 7.17
C GLU A 171 10.32 -15.39 7.12
N GLU A 172 10.37 -14.72 5.98
CA GLU A 172 11.03 -13.42 5.85
C GLU A 172 10.26 -12.29 6.50
N MET A 173 9.06 -12.50 7.02
CA MET A 173 8.29 -11.38 7.55
C MET A 173 8.07 -11.43 9.05
N PHE A 174 7.77 -12.60 9.61
CA PHE A 174 7.47 -12.74 11.04
C PHE A 174 8.73 -13.26 11.72
N THR A 175 9.66 -12.36 11.92
CA THR A 175 11.00 -12.69 12.38
C THR A 175 11.19 -12.50 13.88
N TYR A 176 10.15 -12.14 14.61
CA TYR A 176 10.29 -11.69 16.00
C TYR A 176 10.47 -12.86 16.95
N PRO A 177 10.87 -12.59 18.19
CA PRO A 177 10.87 -13.65 19.22
C PRO A 177 9.47 -14.04 19.64
N LEU A 178 9.40 -15.14 20.38
CA LEU A 178 8.15 -15.56 20.99
C LEU A 178 7.80 -14.64 22.16
N SER A 179 6.53 -14.67 22.55
CA SER A 179 6.05 -13.83 23.64
C SER A 179 5.92 -14.59 24.94
N PHE A 180 6.07 -15.91 24.89
CA PHE A 180 5.96 -16.77 26.06
C PHE A 180 6.44 -18.16 25.62
N GLN A 181 6.57 -19.06 26.57
CA GLN A 181 7.13 -20.36 26.23
C GLN A 181 6.09 -21.18 25.47
N PRO A 182 6.50 -21.85 24.39
CA PRO A 182 5.58 -22.71 23.63
C PRO A 182 4.68 -23.59 24.49
N GLY A 183 3.39 -23.52 24.22
CA GLY A 183 2.38 -24.26 24.96
C GLY A 183 1.84 -23.57 26.21
N THR A 184 2.59 -22.64 26.81
CA THR A 184 2.27 -22.12 28.13
C THR A 184 1.40 -20.87 28.10
N GLY A 185 0.93 -20.44 26.94
CA GLY A 185 0.20 -19.19 26.86
C GLY A 185 -0.60 -19.12 25.58
N TRP A 186 -1.22 -17.95 25.37
CA TRP A 186 -2.08 -17.75 24.21
C TRP A 186 -1.98 -16.30 23.78
N MET A 187 -1.72 -16.10 22.49
CA MET A 187 -1.85 -14.76 21.93
C MET A 187 -1.99 -14.88 20.42
N TYR A 188 -2.95 -14.14 19.89
CA TYR A 188 -3.25 -14.14 18.46
C TYR A 188 -2.03 -13.70 17.66
N GLY A 189 -1.67 -14.47 16.62
CA GLY A 189 -0.49 -14.19 15.85
C GLY A 189 -0.42 -14.95 14.53
N PRO A 190 0.76 -14.95 13.90
CA PRO A 190 0.90 -15.57 12.57
C PRO A 190 0.98 -17.09 12.58
N GLY A 191 0.51 -17.73 13.67
CA GLY A 191 0.60 -19.18 13.77
C GLY A 191 0.12 -19.93 12.54
N LEU A 192 -0.88 -19.39 11.83
CA LEU A 192 -1.39 -20.08 10.65
C LEU A 192 -0.69 -19.68 9.38
N ASP A 193 0.00 -18.54 9.35
CA ASP A 193 0.93 -18.29 8.26
C ASP A 193 2.09 -19.28 8.30
N TRP A 194 2.64 -19.50 9.49
CA TRP A 194 3.62 -20.56 9.67
C TRP A 194 3.08 -21.91 9.24
N ALA A 195 1.85 -22.25 9.65
CA ALA A 195 1.26 -23.54 9.33
C ALA A 195 1.15 -23.74 7.83
N GLY A 196 0.67 -22.71 7.11
CA GLY A 196 0.60 -22.79 5.67
C GLY A 196 1.95 -22.98 5.00
N ARG A 197 3.01 -22.36 5.53
CA ARG A 197 4.35 -22.62 5.02
C ARG A 197 4.73 -24.08 5.21
N VAL A 198 4.51 -24.61 6.41
CA VAL A 198 4.74 -26.02 6.68
C VAL A 198 4.01 -26.90 5.67
N VAL A 199 2.76 -26.56 5.36
CA VAL A 199 2.02 -27.32 4.35
C VAL A 199 2.73 -27.26 3.02
N GLU A 200 3.13 -26.06 2.59
CA GLU A 200 3.86 -25.94 1.33
C GLU A 200 5.12 -26.80 1.31
N ARG A 201 5.86 -26.79 2.43
CA ARG A 201 7.12 -27.51 2.45
C ARG A 201 6.91 -29.03 2.44
N VAL A 202 6.11 -29.57 3.37
CA VAL A 202 5.97 -31.03 3.42
C VAL A 202 5.36 -31.60 2.14
N THR A 203 4.54 -30.82 1.43
CA THR A 203 3.89 -31.25 0.21
C THR A 203 4.71 -30.93 -1.04
N GLY A 204 5.57 -29.92 -0.96
CA GLY A 204 6.33 -29.53 -2.13
C GLY A 204 5.52 -28.88 -3.22
N GLY A 205 4.55 -28.04 -2.84
CA GLY A 205 3.78 -27.29 -3.79
C GLY A 205 3.30 -26.05 -3.08
N THR A 206 2.58 -25.21 -3.83
CA THR A 206 2.09 -23.99 -3.20
C THR A 206 0.88 -24.31 -2.34
N LEU A 207 0.62 -23.41 -1.39
CA LEU A 207 -0.56 -23.56 -0.56
C LEU A 207 -1.80 -23.61 -1.43
N MET A 208 -1.88 -22.72 -2.42
CA MET A 208 -3.07 -22.65 -3.25
C MET A 208 -3.28 -23.94 -4.01
N GLU A 209 -2.20 -24.56 -4.50
CA GLU A 209 -2.32 -25.83 -5.19
C GLU A 209 -2.94 -26.86 -4.27
N PHE A 210 -2.40 -26.99 -3.07
CA PHE A 210 -2.92 -27.96 -2.11
C PHE A 210 -4.39 -27.70 -1.81
N MET A 211 -4.71 -26.48 -1.38
CA MET A 211 -6.10 -26.15 -1.07
C MET A 211 -7.00 -26.39 -2.28
N GLN A 212 -6.48 -26.14 -3.48
CA GLN A 212 -7.32 -26.32 -4.64
C GLN A 212 -7.65 -27.78 -4.87
N LYS A 213 -6.74 -28.69 -4.53
CA LYS A 213 -7.07 -30.09 -4.78
C LYS A 213 -7.75 -30.73 -3.59
N ARG A 214 -7.54 -30.22 -2.39
CA ARG A 214 -8.00 -30.94 -1.24
C ARG A 214 -9.19 -30.29 -0.56
N ILE A 215 -9.52 -29.05 -0.91
CA ILE A 215 -10.66 -28.37 -0.30
C ILE A 215 -11.59 -27.89 -1.42
N PHE A 216 -11.07 -27.07 -2.35
CA PHE A 216 -11.93 -26.42 -3.32
C PHE A 216 -12.45 -27.38 -4.39
N ASP A 217 -11.60 -28.27 -4.89
CA ASP A 217 -12.07 -29.24 -5.88
C ASP A 217 -13.16 -30.16 -5.34
N PRO A 218 -12.99 -30.84 -4.19
CA PRO A 218 -14.08 -31.72 -3.69
C PRO A 218 -15.41 -31.02 -3.57
N LEU A 219 -15.43 -29.72 -3.23
CA LEU A 219 -16.64 -28.94 -3.01
C LEU A 219 -17.11 -28.17 -4.23
N GLY A 220 -16.47 -28.34 -5.39
CA GLY A 220 -16.92 -27.61 -6.57
C GLY A 220 -16.59 -26.14 -6.59
N ILE A 221 -15.56 -25.73 -5.86
CA ILE A 221 -15.19 -24.33 -5.75
C ILE A 221 -14.12 -24.06 -6.79
N THR A 222 -14.38 -23.09 -7.68
CA THR A 222 -13.41 -22.72 -8.69
C THR A 222 -12.96 -21.27 -8.62
N ASP A 223 -13.68 -20.40 -7.90
CA ASP A 223 -13.43 -18.96 -7.95
C ASP A 223 -12.69 -18.49 -6.70
N SER A 224 -11.52 -19.07 -6.45
CA SER A 224 -10.72 -18.70 -5.29
C SER A 224 -9.31 -18.36 -5.70
N GLN A 225 -8.71 -17.44 -4.96
CA GLN A 225 -7.31 -17.09 -5.16
C GLN A 225 -6.76 -16.37 -3.94
N PHE A 226 -5.49 -16.61 -3.63
CA PHE A 226 -4.78 -15.84 -2.60
C PHE A 226 -4.39 -14.48 -3.15
N TYR A 227 -4.13 -13.54 -2.25
CA TYR A 227 -3.57 -12.25 -2.62
C TYR A 227 -2.18 -12.46 -3.22
N PRO A 228 -1.89 -11.76 -4.33
CA PRO A 228 -2.77 -10.80 -5.02
C PRO A 228 -3.63 -11.48 -6.08
N VAL A 229 -4.86 -11.02 -6.28
CA VAL A 229 -5.80 -11.69 -7.17
C VAL A 229 -5.42 -11.31 -8.59
N THR A 230 -4.73 -12.22 -9.29
CA THR A 230 -4.28 -11.91 -10.64
C THR A 230 -5.24 -12.41 -11.71
N ARG A 231 -6.11 -13.36 -11.38
CA ARG A 231 -7.07 -13.85 -12.38
C ARG A 231 -8.01 -12.74 -12.79
N GLU A 232 -8.04 -12.43 -14.09
CA GLU A 232 -8.92 -11.35 -14.54
C GLU A 232 -10.38 -11.69 -14.29
N ASP A 233 -10.73 -13.00 -14.35
CA ASP A 233 -12.13 -13.36 -14.14
C ASP A 233 -12.57 -13.10 -12.71
N LEU A 234 -11.67 -13.32 -11.73
CA LEU A 234 -12.01 -13.01 -10.36
C LEU A 234 -11.98 -11.50 -10.13
N ARG A 235 -10.99 -10.81 -10.72
CA ARG A 235 -10.85 -9.38 -10.50
C ARG A 235 -12.06 -8.61 -10.96
N ALA A 236 -12.77 -9.12 -11.95
CA ALA A 236 -14.01 -8.49 -12.39
C ALA A 236 -15.10 -8.56 -11.33
N ARG A 237 -14.99 -9.44 -10.34
CA ARG A 237 -16.00 -9.58 -9.31
C ARG A 237 -15.47 -9.24 -7.92
N LEU A 238 -14.23 -8.76 -7.83
CA LEU A 238 -13.62 -8.40 -6.55
C LEU A 238 -14.32 -7.19 -5.98
N VAL A 239 -14.91 -7.34 -4.79
CA VAL A 239 -15.57 -6.21 -4.15
C VAL A 239 -14.55 -5.13 -3.80
N ASP A 240 -13.38 -5.52 -3.32
CA ASP A 240 -12.44 -4.53 -2.81
C ASP A 240 -11.52 -3.94 -3.88
N LEU A 241 -11.76 -4.24 -5.17
CA LEU A 241 -11.05 -3.56 -6.27
C LEU A 241 -11.91 -2.40 -6.74
N ASN A 242 -11.70 -1.23 -6.15
CA ASN A 242 -12.60 -0.11 -6.32
C ASN A 242 -11.83 1.18 -6.05
N PRO A 243 -12.43 2.34 -6.34
CA PRO A 243 -11.66 3.60 -6.25
C PRO A 243 -11.09 3.90 -4.88
N SER A 244 -11.64 3.33 -3.81
CA SER A 244 -11.09 3.53 -2.46
C SER A 244 -9.96 2.57 -2.13
N ASP A 245 -9.85 1.48 -2.86
CA ASP A 245 -8.85 0.45 -2.61
C ASP A 245 -8.34 0.04 -3.98
N PRO A 246 -7.66 0.95 -4.70
CA PRO A 246 -7.29 0.64 -6.09
C PRO A 246 -6.27 -0.48 -6.19
N GLY A 247 -5.65 -0.89 -5.08
CA GLY A 247 -4.77 -2.04 -5.08
C GLY A 247 -5.39 -3.37 -4.69
N ALA A 248 -6.67 -3.37 -4.26
CA ALA A 248 -7.37 -4.57 -3.80
C ALA A 248 -6.62 -5.23 -2.63
N LEU A 249 -6.34 -4.43 -1.60
CA LEU A 249 -5.64 -4.88 -0.41
C LEU A 249 -6.59 -5.43 0.66
N GLY A 250 -7.87 -5.12 0.55
CA GLY A 250 -8.78 -5.41 1.63
C GLY A 250 -8.84 -4.32 2.69
N SER A 251 -8.68 -3.08 2.28
CA SER A 251 -8.66 -1.98 3.25
C SER A 251 -9.94 -1.90 4.06
N ALA A 252 -11.09 -2.07 3.41
CA ALA A 252 -12.36 -1.91 4.11
C ALA A 252 -12.59 -3.03 5.12
N VAL A 253 -12.01 -4.20 4.90
CA VAL A 253 -12.22 -5.33 5.79
C VAL A 253 -11.37 -5.21 7.05
N ILE A 254 -10.08 -4.91 6.89
CA ILE A 254 -9.18 -4.71 8.02
C ILE A 254 -9.36 -3.34 8.66
N GLY A 255 -10.02 -2.42 7.99
CA GLY A 255 -10.38 -1.15 8.61
C GLY A 255 -9.27 -0.11 8.48
N GLY A 256 -8.92 0.48 9.61
CA GLY A 256 -7.81 1.42 9.68
C GLY A 256 -6.51 0.67 9.87
N GLY A 257 -5.50 1.41 10.31
CA GLY A 257 -4.28 0.82 10.85
C GLY A 257 -3.33 0.16 9.86
N GLY A 258 -3.73 -0.10 8.64
CA GLY A 258 -2.85 -0.74 7.69
C GLY A 258 -3.44 -2.03 7.16
N GLU A 259 -2.62 -2.78 6.44
CA GLU A 259 -3.05 -3.94 5.68
C GLU A 259 -2.12 -5.11 5.88
N MET A 260 -2.72 -6.30 6.10
CA MET A 260 -1.93 -7.52 6.18
C MET A 260 -1.19 -7.78 4.86
N ASN A 261 -1.83 -7.47 3.72
CA ASN A 261 -1.37 -7.93 2.40
C ASN A 261 -0.22 -7.16 1.79
N LEU A 262 0.13 -5.97 2.29
CA LEU A 262 0.76 -5.01 1.38
C LEU A 262 2.10 -5.52 0.87
N ARG A 263 2.98 -5.97 1.76
CA ARG A 263 4.37 -6.17 1.33
C ARG A 263 4.84 -7.60 1.42
N GLY A 264 4.00 -8.55 1.02
CA GLY A 264 4.35 -9.95 1.11
C GLY A 264 4.39 -10.56 -0.27
N ARG A 265 5.00 -11.75 -0.34
CA ARG A 265 4.88 -12.57 -1.54
C ARG A 265 4.68 -14.01 -1.10
N GLY A 266 4.03 -14.77 -1.97
CA GLY A 266 3.57 -16.08 -1.61
C GLY A 266 2.23 -16.00 -0.90
N ALA A 267 1.65 -17.17 -0.65
CA ALA A 267 0.40 -17.27 0.07
C ALA A 267 0.59 -16.94 1.54
N PHE A 268 -0.40 -16.26 2.14
CA PHE A 268 -0.41 -16.03 3.58
C PHE A 268 -1.63 -16.71 4.19
N GLY A 269 -1.41 -17.88 4.82
CA GLY A 269 -2.51 -18.65 5.38
C GLY A 269 -3.24 -17.95 6.51
N GLY A 270 -2.66 -16.88 7.05
CA GLY A 270 -3.32 -16.13 8.10
C GLY A 270 -4.39 -15.17 7.62
N HIS A 271 -4.30 -14.69 6.38
CA HIS A 271 -5.15 -13.58 5.99
C HIS A 271 -5.29 -13.36 4.49
N GLY A 272 -4.83 -14.30 3.66
CA GLY A 272 -4.63 -13.95 2.28
C GLY A 272 -5.67 -14.35 1.27
N LEU A 273 -6.74 -15.06 1.67
CA LEU A 273 -7.61 -15.70 0.69
C LEU A 273 -8.74 -14.80 0.23
N PHE A 274 -9.15 -14.98 -1.02
CA PHE A 274 -10.33 -14.36 -1.61
C PHE A 274 -11.23 -15.47 -2.10
N LEU A 275 -12.54 -15.25 -1.97
CA LEU A 275 -13.53 -16.31 -2.01
C LEU A 275 -14.91 -15.67 -2.01
N THR A 276 -15.88 -16.31 -2.66
CA THR A 276 -17.25 -15.83 -2.54
C THR A 276 -17.90 -16.40 -1.26
N GLY A 277 -18.87 -15.65 -0.73
CA GLY A 277 -19.62 -16.11 0.42
C GLY A 277 -20.28 -17.46 0.18
N LEU A 278 -20.84 -17.66 -1.02
CA LEU A 278 -21.44 -18.94 -1.36
C LEU A 278 -20.44 -20.08 -1.23
N ASP A 279 -19.21 -19.89 -1.69
CA ASP A 279 -18.26 -21.00 -1.61
C ASP A 279 -17.77 -21.18 -0.17
N PHE A 280 -17.67 -20.09 0.61
CA PHE A 280 -17.16 -20.25 1.97
C PHE A 280 -18.12 -21.07 2.81
N VAL A 281 -19.42 -20.88 2.61
CA VAL A 281 -20.37 -21.59 3.46
C VAL A 281 -20.38 -23.07 3.13
N LYS A 282 -20.05 -23.44 1.89
CA LYS A 282 -19.86 -24.85 1.57
C LYS A 282 -18.83 -25.49 2.50
N ILE A 283 -17.74 -24.79 2.78
CA ILE A 283 -16.73 -25.30 3.70
C ILE A 283 -17.31 -25.39 5.11
N LEU A 284 -17.94 -24.31 5.58
CA LEU A 284 -18.58 -24.33 6.90
C LEU A 284 -19.54 -25.53 6.99
N ARG A 285 -20.27 -25.81 5.92
CA ARG A 285 -21.30 -26.83 5.96
C ARG A 285 -20.72 -28.24 5.89
N SER A 286 -19.72 -28.46 5.03
CA SER A 286 -19.03 -29.75 5.03
C SER A 286 -18.52 -30.09 6.43
N LEU A 287 -18.17 -29.08 7.23
CA LEU A 287 -17.74 -29.42 8.58
C LEU A 287 -18.93 -29.57 9.52
N LEU A 288 -19.99 -28.79 9.31
CA LEU A 288 -21.18 -28.96 10.14
C LEU A 288 -21.76 -30.35 9.94
N ALA A 289 -21.98 -30.75 8.68
CA ALA A 289 -22.47 -32.07 8.35
C ALA A 289 -21.50 -33.18 8.73
N ASN A 290 -20.21 -32.88 8.88
CA ASN A 290 -19.16 -33.89 9.05
C ASN A 290 -19.32 -35.01 8.02
N ASP A 291 -19.38 -34.62 6.74
CA ASP A 291 -19.72 -35.55 5.67
C ASP A 291 -18.50 -36.18 5.01
N GLY A 292 -17.31 -36.06 5.60
CA GLY A 292 -16.13 -36.68 5.02
C GLY A 292 -15.70 -36.16 3.66
N MET A 293 -16.04 -34.91 3.33
CA MET A 293 -15.60 -34.35 2.07
C MET A 293 -14.19 -33.76 2.17
N LEU A 294 -13.81 -33.30 3.35
CA LEU A 294 -12.50 -32.73 3.58
C LEU A 294 -11.67 -33.49 4.61
N LEU A 295 -12.31 -34.09 5.60
CA LEU A 295 -11.61 -34.81 6.66
C LEU A 295 -12.44 -36.02 7.07
N LYS A 296 -11.78 -36.99 7.75
CA LYS A 296 -12.58 -38.09 8.29
C LYS A 296 -13.24 -37.63 9.58
N PRO A 297 -14.40 -38.22 9.91
CA PRO A 297 -15.26 -37.60 10.92
C PRO A 297 -14.64 -37.48 12.30
N ALA A 298 -13.73 -38.40 12.66
CA ALA A 298 -13.01 -38.26 13.93
C ALA A 298 -12.13 -37.00 13.94
N ALA A 299 -11.47 -36.73 12.81
CA ALA A 299 -10.61 -35.55 12.71
C ALA A 299 -11.40 -34.27 12.84
N VAL A 300 -12.53 -34.18 12.15
CA VAL A 300 -13.40 -33.02 12.33
C VAL A 300 -13.80 -32.91 13.78
N ASP A 301 -14.21 -34.04 14.38
CA ASP A 301 -14.58 -34.09 15.80
C ASP A 301 -13.51 -33.44 16.66
N ASN A 302 -12.24 -33.72 16.35
CA ASN A 302 -11.16 -33.23 17.17
C ASN A 302 -11.05 -31.70 17.10
N MET A 303 -11.60 -31.06 16.04
CA MET A 303 -11.56 -29.60 15.93
C MET A 303 -12.42 -28.91 16.97
N PHE A 304 -13.46 -29.56 17.46
CA PHE A 304 -14.39 -28.93 18.40
C PHE A 304 -14.11 -29.35 19.84
N GLN A 305 -12.84 -29.54 20.21
CA GLN A 305 -12.38 -29.76 21.57
C GLN A 305 -11.58 -28.56 22.05
N GLN A 306 -11.63 -28.27 23.34
CA GLN A 306 -10.70 -27.30 23.88
C GLN A 306 -9.30 -27.86 23.76
N HIS A 307 -8.40 -27.14 23.10
CA HIS A 307 -7.06 -27.67 22.88
C HIS A 307 -5.99 -26.96 23.67
N LEU A 308 -6.33 -25.89 24.36
CA LEU A 308 -5.37 -25.24 25.23
C LEU A 308 -5.27 -26.03 26.54
N GLY A 309 -4.05 -26.37 26.92
CA GLY A 309 -3.80 -26.95 28.22
C GLY A 309 -4.04 -25.91 29.30
N PRO A 310 -3.98 -26.35 30.56
CA PRO A 310 -4.26 -25.41 31.67
C PRO A 310 -3.48 -24.12 31.58
N GLU A 311 -2.18 -24.20 31.38
CA GLU A 311 -1.39 -22.97 31.35
C GLU A 311 -1.83 -22.03 30.24
N ALA A 312 -2.01 -22.56 29.02
CA ALA A 312 -2.47 -21.73 27.90
C ALA A 312 -3.84 -21.11 28.18
N ALA A 313 -4.77 -21.94 28.65
CA ALA A 313 -6.17 -21.52 28.79
C ALA A 313 -6.30 -20.34 29.73
N ALA A 314 -5.60 -20.38 30.86
CA ALA A 314 -5.63 -19.21 31.73
C ALA A 314 -5.12 -17.99 30.99
N SER A 315 -4.07 -18.17 30.17
CA SER A 315 -3.54 -17.05 29.40
C SER A 315 -4.56 -16.55 28.39
N HIS A 316 -5.22 -17.48 27.70
CA HIS A 316 -6.33 -17.11 26.82
C HIS A 316 -7.40 -16.32 27.58
N ARG A 317 -7.93 -16.90 28.67
CA ARG A 317 -9.01 -16.25 29.40
C ARG A 317 -8.58 -14.93 30.02
N ALA A 318 -7.29 -14.80 30.34
CA ALA A 318 -6.79 -13.52 30.81
C ALA A 318 -6.77 -12.50 29.68
N ALA A 319 -6.37 -12.95 28.48
CA ALA A 319 -6.38 -12.09 27.31
C ALA A 319 -7.80 -11.67 26.94
N LEU A 320 -8.77 -12.58 27.11
CA LEU A 320 -10.15 -12.21 26.82
C LEU A 320 -10.68 -11.14 27.76
N ALA A 321 -10.04 -10.94 28.91
CA ALA A 321 -10.43 -9.88 29.83
C ALA A 321 -9.55 -8.65 29.73
N SER A 322 -8.44 -8.75 29.01
CA SER A 322 -7.57 -7.63 28.70
C SER A 322 -8.34 -6.56 27.93
N PRO A 323 -7.75 -5.38 27.72
CA PRO A 323 -8.45 -4.36 26.90
C PRO A 323 -8.64 -4.74 25.45
N LEU A 324 -8.10 -5.86 25.00
CA LEU A 324 -8.31 -6.34 23.65
C LEU A 324 -9.27 -7.51 23.59
N GLY A 325 -9.84 -7.88 24.75
CA GLY A 325 -10.86 -8.90 24.87
C GLY A 325 -11.99 -8.79 23.86
N PRO A 326 -12.55 -7.58 23.66
CA PRO A 326 -13.62 -7.46 22.67
C PRO A 326 -13.24 -8.09 21.33
N PHE A 327 -12.02 -7.82 20.86
CA PHE A 327 -11.60 -8.41 19.60
C PHE A 327 -11.62 -9.92 19.68
N PHE A 328 -11.05 -10.48 20.75
CA PHE A 328 -10.84 -11.91 20.85
C PHE A 328 -12.11 -12.70 21.15
N ARG A 329 -13.19 -12.04 21.59
CA ARG A 329 -14.38 -12.74 22.06
C ARG A 329 -15.38 -13.03 20.96
N VAL A 330 -15.29 -12.37 19.80
CA VAL A 330 -16.11 -12.69 18.63
C VAL A 330 -17.59 -12.55 19.01
N GLY A 331 -17.91 -11.54 19.80
CA GLY A 331 -19.29 -11.30 20.17
C GLY A 331 -19.81 -12.12 21.33
N THR A 332 -19.07 -13.11 21.82
CA THR A 332 -19.59 -13.89 22.94
C THR A 332 -19.58 -13.08 24.23
N ASP A 333 -20.37 -13.56 25.19
CA ASP A 333 -20.52 -12.86 26.46
C ASP A 333 -19.26 -13.00 27.29
N PRO A 334 -18.78 -11.92 27.92
CA PRO A 334 -17.63 -12.04 28.84
C PRO A 334 -17.82 -13.06 29.95
N GLU A 335 -19.05 -13.57 30.17
CA GLU A 335 -19.29 -14.60 31.17
C GLU A 335 -19.45 -15.98 30.57
N THR A 336 -19.32 -16.14 29.26
CA THR A 336 -19.47 -17.43 28.63
C THR A 336 -18.15 -18.21 28.62
N LYS A 337 -18.18 -19.42 29.17
CA LYS A 337 -16.99 -20.25 29.18
C LYS A 337 -16.59 -20.62 27.75
N VAL A 338 -15.34 -20.31 27.41
CA VAL A 338 -14.82 -20.53 26.06
C VAL A 338 -13.44 -21.15 26.15
N GLY A 339 -13.08 -21.87 25.10
CA GLY A 339 -11.71 -22.32 24.92
C GLY A 339 -11.23 -21.97 23.52
N TYR A 340 -10.25 -22.70 23.03
CA TYR A 340 -9.78 -22.54 21.66
C TYR A 340 -9.63 -23.90 21.02
N GLY A 341 -10.38 -24.12 19.94
CA GLY A 341 -10.30 -25.36 19.19
C GLY A 341 -9.34 -25.24 18.03
N LEU A 342 -9.38 -26.25 17.18
CA LEU A 342 -8.62 -26.18 15.93
C LEU A 342 -9.48 -25.47 14.90
N GLY A 343 -9.37 -24.15 14.86
CA GLY A 343 -10.05 -23.37 13.83
C GLY A 343 -10.64 -22.04 14.28
N GLY A 344 -10.72 -21.78 15.58
CA GLY A 344 -11.37 -20.59 16.07
C GLY A 344 -11.65 -20.70 17.56
N LEU A 345 -12.46 -19.76 18.05
CA LEU A 345 -12.94 -19.79 19.44
C LEU A 345 -13.98 -20.90 19.64
N LEU A 346 -13.98 -21.53 20.82
CA LEU A 346 -14.88 -22.66 21.09
C LEU A 346 -15.72 -22.36 22.32
N THR A 347 -17.05 -22.32 22.15
CA THR A 347 -17.89 -22.10 23.31
C THR A 347 -17.90 -23.38 24.14
N LEU A 348 -17.71 -23.22 25.45
CA LEU A 348 -17.63 -24.40 26.29
C LEU A 348 -18.92 -24.69 27.02
N GLU A 349 -19.74 -23.68 27.30
CA GLU A 349 -21.09 -23.86 27.81
C GLU A 349 -22.08 -23.52 26.69
N ASP A 350 -23.36 -23.70 26.99
CA ASP A 350 -24.42 -23.41 26.04
C ASP A 350 -25.00 -22.02 26.33
N VAL A 351 -25.58 -21.40 25.31
CA VAL A 351 -26.24 -20.11 25.44
C VAL A 351 -27.63 -20.29 24.84
N ASP A 352 -28.66 -19.98 25.62
CA ASP A 352 -29.99 -20.43 25.25
C ASP A 352 -30.53 -19.57 24.13
N GLY A 353 -30.93 -20.23 23.04
CA GLY A 353 -31.39 -19.52 21.88
C GLY A 353 -30.29 -18.83 21.12
N TRP A 354 -29.03 -19.20 21.37
CA TRP A 354 -27.89 -18.73 20.59
C TRP A 354 -26.93 -19.90 20.38
N TYR A 355 -25.62 -19.65 20.46
CA TYR A 355 -24.64 -20.70 20.16
C TYR A 355 -24.79 -21.88 21.10
N GLY A 356 -24.90 -23.07 20.53
CA GLY A 356 -24.76 -24.29 21.29
C GLY A 356 -23.37 -24.43 21.92
N GLU A 357 -23.30 -25.36 22.86
CA GLU A 357 -22.01 -25.75 23.42
C GLU A 357 -21.14 -26.33 22.30
N ARG A 358 -19.82 -26.06 22.37
CA ARG A 358 -18.88 -26.42 21.30
C ARG A 358 -19.25 -25.80 19.94
N THR A 359 -19.59 -24.52 19.94
CA THR A 359 -19.63 -23.75 18.70
C THR A 359 -18.25 -23.17 18.44
N LEU A 360 -17.74 -23.39 17.22
CA LEU A 360 -16.50 -22.81 16.73
C LEU A 360 -16.78 -21.50 15.99
N THR A 361 -16.03 -20.44 16.28
CA THR A 361 -16.32 -19.15 15.65
C THR A 361 -15.09 -18.25 15.54
N TRP A 362 -14.96 -17.56 14.40
CA TRP A 362 -13.93 -16.54 14.29
C TRP A 362 -14.38 -15.49 13.28
N GLY A 363 -13.45 -14.73 12.74
CA GLY A 363 -13.84 -13.64 11.87
C GLY A 363 -12.70 -13.20 10.97
N GLY A 364 -12.95 -12.11 10.26
CA GLY A 364 -11.94 -11.55 9.39
C GLY A 364 -11.92 -10.04 9.54
N GLY A 365 -10.77 -9.50 9.94
CA GLY A 365 -10.73 -8.06 10.06
C GLY A 365 -11.76 -7.60 11.06
N LEU A 366 -12.43 -6.49 10.73
CA LEU A 366 -13.49 -5.98 11.56
C LEU A 366 -14.87 -6.23 11.00
N THR A 367 -14.99 -6.91 9.86
CA THR A 367 -16.26 -6.86 9.14
C THR A 367 -16.81 -8.23 8.75
N LEU A 368 -16.08 -9.29 9.01
CA LEU A 368 -16.51 -10.61 8.61
C LEU A 368 -16.51 -11.50 9.83
N THR A 369 -17.48 -12.43 9.89
CA THR A 369 -17.61 -13.32 11.03
C THR A 369 -18.28 -14.61 10.60
N TRP A 370 -17.84 -15.73 11.17
CA TRP A 370 -18.42 -17.02 10.85
C TRP A 370 -18.59 -17.87 12.11
N PHE A 371 -19.45 -18.89 12.03
CA PHE A 371 -19.63 -19.79 13.16
C PHE A 371 -20.05 -21.17 12.65
N ILE A 372 -19.71 -22.19 13.41
CA ILE A 372 -20.25 -23.54 13.22
C ILE A 372 -20.85 -24.02 14.55
N ASP A 373 -22.16 -24.23 14.56
CA ASP A 373 -22.91 -24.63 15.75
C ASP A 373 -23.43 -26.04 15.49
N ARG A 374 -22.63 -27.04 15.90
CA ARG A 374 -23.01 -28.42 15.58
C ARG A 374 -24.21 -28.87 16.41
N LYS A 375 -24.29 -28.40 17.66
CA LYS A 375 -25.34 -28.86 18.56
C LYS A 375 -26.72 -28.40 18.07
N ASN A 376 -26.82 -27.15 17.57
CA ASN A 376 -28.08 -26.61 17.07
C ASN A 376 -28.25 -26.74 15.56
N ASN A 377 -27.34 -27.43 14.88
CA ASN A 377 -27.40 -27.67 13.44
C ASN A 377 -27.58 -26.37 12.63
N LEU A 378 -26.62 -25.46 12.80
CA LEU A 378 -26.57 -24.22 12.04
C LEU A 378 -25.12 -23.77 11.85
N CYS A 379 -24.82 -23.24 10.65
CA CYS A 379 -23.56 -22.55 10.40
C CYS A 379 -23.81 -21.36 9.48
N GLY A 380 -22.87 -20.42 9.46
CA GLY A 380 -23.09 -19.21 8.66
C GLY A 380 -21.89 -18.30 8.62
N VAL A 381 -21.96 -17.33 7.70
CA VAL A 381 -20.94 -16.30 7.53
C VAL A 381 -21.62 -14.99 7.19
N GLY A 382 -21.20 -13.91 7.85
CA GLY A 382 -21.68 -12.61 7.51
C GLY A 382 -20.50 -11.70 7.24
N ALA A 383 -20.50 -11.01 6.10
CA ALA A 383 -19.38 -10.17 5.64
C ALA A 383 -19.91 -8.78 5.30
N ILE A 384 -19.65 -7.80 6.16
CA ILE A 384 -20.00 -6.41 5.84
C ILE A 384 -19.00 -5.85 4.84
N GLN A 385 -19.50 -5.20 3.79
CA GLN A 385 -18.63 -4.49 2.85
C GLN A 385 -18.64 -3.03 3.26
N ALA A 386 -17.67 -2.64 4.07
CA ALA A 386 -17.65 -1.31 4.65
C ALA A 386 -17.17 -0.26 3.65
N VAL A 387 -17.27 1.01 4.06
CA VAL A 387 -16.70 2.14 3.35
C VAL A 387 -15.71 2.79 4.29
N LEU A 388 -14.60 3.29 3.73
CA LEU A 388 -13.57 3.95 4.53
C LEU A 388 -14.03 5.37 4.93
N PRO A 389 -13.72 5.79 6.15
CA PRO A 389 -13.02 5.00 7.17
C PRO A 389 -13.97 4.01 7.85
N VAL A 390 -13.45 2.84 8.18
CA VAL A 390 -14.28 1.80 8.76
C VAL A 390 -14.52 2.10 10.23
N ASP A 391 -15.79 2.14 10.60
CA ASP A 391 -16.25 2.42 11.97
C ASP A 391 -16.28 1.10 12.76
N GLY A 392 -15.28 0.91 13.62
CA GLY A 392 -15.12 -0.39 14.26
C GLY A 392 -16.26 -0.73 15.21
N ASP A 393 -16.68 0.23 16.03
CA ASP A 393 -17.75 -0.05 16.97
C ASP A 393 -19.05 -0.36 16.23
N LEU A 394 -19.38 0.41 15.20
CA LEU A 394 -20.57 0.09 14.43
C LEU A 394 -20.46 -1.28 13.76
N MET A 395 -19.26 -1.67 13.34
CA MET A 395 -19.13 -2.96 12.68
C MET A 395 -19.42 -4.10 13.66
N ALA A 396 -18.96 -3.95 14.90
CA ALA A 396 -19.30 -4.95 15.90
C ALA A 396 -20.82 -5.13 16.01
N ASP A 397 -21.56 -4.02 16.06
CA ASP A 397 -23.03 -4.11 16.15
C ASP A 397 -23.61 -4.78 14.92
N LEU A 398 -23.15 -4.39 13.74
CA LEU A 398 -23.64 -5.02 12.52
C LEU A 398 -23.36 -6.52 12.54
N LYS A 399 -22.19 -6.92 13.05
CA LYS A 399 -21.87 -8.35 13.11
C LYS A 399 -22.77 -9.05 14.11
N GLN A 400 -22.95 -8.43 15.28
CA GLN A 400 -23.89 -8.94 16.26
C GLN A 400 -25.27 -9.13 15.66
N THR A 401 -25.75 -8.11 14.94
CA THR A 401 -27.03 -8.24 14.26
C THR A 401 -27.08 -9.50 13.43
N PHE A 402 -26.02 -9.79 12.68
CA PHE A 402 -26.04 -11.02 11.92
C PHE A 402 -26.04 -12.25 12.84
N ARG A 403 -25.17 -12.25 13.85
CA ARG A 403 -24.97 -13.45 14.64
C ARG A 403 -26.25 -13.87 15.35
N HIS A 404 -27.09 -12.92 15.79
CA HIS A 404 -28.35 -13.27 16.43
C HIS A 404 -29.52 -13.34 15.46
N ASP A 405 -29.67 -12.37 14.55
CA ASP A 405 -30.81 -12.44 13.64
C ASP A 405 -30.82 -13.72 12.81
N ILE A 406 -29.65 -14.30 12.52
CA ILE A 406 -29.71 -15.56 11.77
C ILE A 406 -30.31 -16.67 12.64
N TYR A 407 -30.09 -16.63 13.95
CA TYR A 407 -30.75 -17.61 14.81
C TYR A 407 -32.26 -17.33 14.88
N ARG A 408 -32.64 -16.04 14.96
CA ARG A 408 -34.04 -15.66 14.90
C ARG A 408 -34.71 -16.20 13.65
N LYS A 409 -34.09 -16.02 12.48
CA LYS A 409 -34.70 -16.53 11.26
C LYS A 409 -34.77 -18.04 11.27
N TYR A 410 -33.80 -18.70 11.92
CA TYR A 410 -33.81 -20.15 12.03
C TYR A 410 -35.00 -20.62 12.85
N SER A 411 -35.22 -19.99 13.99
CA SER A 411 -36.32 -20.38 14.86
C SER A 411 -37.66 -20.19 14.13
N ALA A 412 -37.84 -19.02 13.51
CA ALA A 412 -39.04 -18.78 12.71
C ALA A 412 -39.21 -19.84 11.63
N TRP A 413 -38.15 -20.19 10.91
CA TRP A 413 -38.31 -21.19 9.86
C TRP A 413 -38.70 -22.54 10.44
N LYS A 414 -38.14 -22.89 11.60
CA LYS A 414 -38.45 -24.18 12.20
C LYS A 414 -39.90 -24.23 12.68
N GLY A 415 -40.43 -23.12 13.17
CA GLY A 415 -41.85 -23.04 13.48
C GLY A 415 -42.72 -22.83 12.26
N GLN A 416 -42.43 -23.53 11.14
CA GLN A 416 -43.22 -23.37 9.92
C GLN A 416 -43.28 -24.64 9.08
N GLN A 417 -42.95 -25.80 9.65
CA GLN A 417 -42.95 -27.04 8.87
C GLN A 417 -43.96 -28.00 9.50
N GLY B 3 17.24 6.74 -0.64
CA GLY B 3 18.03 7.67 -1.43
C GLY B 3 19.43 7.20 -1.89
N SER B 4 20.03 7.99 -2.79
CA SER B 4 21.43 7.82 -3.20
C SER B 4 22.30 8.61 -2.23
N HIS B 5 23.05 7.93 -1.38
CA HIS B 5 23.71 8.63 -0.29
C HIS B 5 25.06 9.23 -0.69
N HIS B 6 25.53 8.96 -1.91
CA HIS B 6 26.81 9.50 -2.38
C HIS B 6 26.62 10.17 -3.73
N HIS B 7 27.48 11.16 -4.00
CA HIS B 7 27.49 11.88 -5.26
C HIS B 7 28.11 11.01 -6.35
N HIS B 8 27.31 10.65 -7.34
CA HIS B 8 27.80 9.91 -8.50
C HIS B 8 27.99 10.86 -9.67
N HIS B 9 28.52 12.05 -9.33
CA HIS B 9 28.64 13.15 -10.27
C HIS B 9 29.77 12.94 -11.26
N HIS B 10 30.80 12.19 -10.89
CA HIS B 10 31.91 12.00 -11.81
C HIS B 10 32.57 10.66 -11.56
N GLY B 11 32.79 9.92 -12.62
CA GLY B 11 33.32 8.57 -12.49
C GLY B 11 33.10 7.83 -13.80
N MET B 12 33.11 6.51 -13.69
CA MET B 12 32.98 5.68 -14.88
C MET B 12 31.60 5.82 -15.49
N ALA B 13 30.59 6.14 -14.68
CA ALA B 13 29.28 6.38 -15.26
C ALA B 13 29.31 7.62 -16.13
N SER B 14 30.08 8.62 -15.71
CA SER B 14 30.16 9.90 -16.39
C SER B 14 30.97 9.82 -17.69
N GLU B 15 32.04 9.03 -17.67
CA GLU B 15 33.11 9.12 -18.65
C GLU B 15 33.18 7.95 -19.61
N LEU B 16 32.66 6.81 -19.24
CA LEU B 16 32.84 5.61 -20.05
C LEU B 16 31.54 4.91 -20.41
N ALA B 17 30.56 4.91 -19.52
CA ALA B 17 29.45 3.97 -19.66
C ALA B 17 28.58 4.29 -20.87
N LEU B 18 28.20 3.23 -21.58
CA LEU B 18 27.26 3.33 -22.68
C LEU B 18 25.94 2.73 -22.26
N MET B 19 24.84 3.39 -22.64
CA MET B 19 23.53 2.90 -22.23
C MET B 19 23.33 1.47 -22.69
N ASP B 20 23.60 1.20 -23.98
CA ASP B 20 23.39 -0.13 -24.54
C ASP B 20 24.02 -1.21 -23.65
N THR B 21 25.30 -1.04 -23.30
CA THR B 21 26.02 -2.02 -22.49
C THR B 21 25.57 -2.00 -21.04
N THR B 22 25.44 -0.81 -20.46
CA THR B 22 25.19 -0.76 -19.03
C THR B 22 23.79 -1.28 -18.72
N PHE B 23 22.78 -0.82 -19.47
CA PHE B 23 21.42 -1.23 -19.18
C PHE B 23 21.31 -2.75 -19.23
N GLN B 24 21.83 -3.36 -20.30
CA GLN B 24 21.74 -4.81 -20.43
C GLN B 24 22.43 -5.53 -19.28
N ALA B 25 23.58 -5.03 -18.83
CA ALA B 25 24.23 -5.66 -17.69
C ALA B 25 23.32 -5.61 -16.47
N ALA B 26 22.68 -4.46 -16.25
CA ALA B 26 21.80 -4.33 -15.12
C ALA B 26 20.65 -5.32 -15.24
N ILE B 27 20.21 -5.59 -16.47
CA ILE B 27 19.18 -6.61 -16.67
C ILE B 27 19.72 -7.99 -16.29
N ASP B 28 20.80 -8.46 -16.93
CA ASP B 28 21.29 -9.81 -16.62
C ASP B 28 21.66 -9.96 -15.15
N THR B 29 22.00 -8.89 -14.44
CA THR B 29 22.15 -9.05 -13.00
C THR B 29 20.81 -9.12 -12.28
N GLY B 30 19.71 -8.84 -12.98
CA GLY B 30 18.42 -8.81 -12.35
C GLY B 30 18.14 -7.59 -11.52
N LYS B 31 18.83 -6.47 -11.76
CA LYS B 31 18.59 -5.30 -10.94
C LYS B 31 17.60 -4.33 -11.54
N ILE B 32 17.35 -4.45 -12.84
CA ILE B 32 16.29 -3.73 -13.51
C ILE B 32 15.64 -4.69 -14.48
N ASN B 33 14.47 -4.30 -14.98
CA ASN B 33 13.81 -5.03 -16.04
C ASN B 33 13.92 -4.34 -17.39
N GLY B 34 14.07 -3.02 -17.39
CA GLY B 34 14.22 -2.30 -18.64
C GLY B 34 14.36 -0.82 -18.41
N ALA B 35 14.23 -0.08 -19.51
CA ALA B 35 14.38 1.37 -19.47
C ALA B 35 13.66 1.95 -20.67
N VAL B 36 13.35 3.23 -20.57
CA VAL B 36 12.81 3.98 -21.69
C VAL B 36 13.57 5.29 -21.73
N VAL B 37 14.17 5.61 -22.88
CA VAL B 37 14.94 6.83 -23.11
C VAL B 37 14.33 7.55 -24.31
N CYS B 38 14.06 8.84 -24.15
CA CYS B 38 13.56 9.68 -25.25
C CYS B 38 14.24 11.04 -25.15
N ALA B 39 14.98 11.38 -26.21
CA ALA B 39 15.68 12.65 -26.28
C ALA B 39 15.55 13.19 -27.70
N THR B 40 15.65 14.51 -27.82
CA THR B 40 15.54 15.14 -29.14
C THR B 40 16.09 16.56 -29.08
N ASP B 41 16.47 17.05 -30.26
CA ASP B 41 16.72 18.49 -30.42
C ASP B 41 15.38 19.17 -30.72
N ALA B 42 15.41 20.50 -30.92
CA ALA B 42 14.14 21.21 -31.06
C ALA B 42 13.43 20.86 -32.36
N GLN B 43 14.18 20.48 -33.39
CA GLN B 43 13.63 20.32 -34.72
C GLN B 43 13.35 18.88 -35.08
N GLY B 44 13.68 17.94 -34.21
CA GLY B 44 13.51 16.57 -34.60
C GLY B 44 14.55 16.09 -35.59
N HIS B 45 15.70 16.77 -35.65
CA HIS B 45 16.79 16.30 -36.49
C HIS B 45 17.47 15.11 -35.81
N PHE B 46 18.13 15.37 -34.70
CA PHE B 46 18.62 14.30 -33.83
C PHE B 46 17.46 13.82 -32.96
N VAL B 47 17.16 12.53 -33.05
CA VAL B 47 16.05 11.94 -32.32
C VAL B 47 16.46 10.55 -31.87
N TYR B 48 16.50 10.33 -30.56
CA TYR B 48 16.87 9.03 -29.98
C TYR B 48 15.72 8.55 -29.13
N ASN B 49 15.07 7.47 -29.57
CA ASN B 49 13.96 6.84 -28.86
C ASN B 49 14.26 5.35 -28.70
N LYS B 50 14.47 4.88 -27.46
CA LYS B 50 14.76 3.47 -27.27
C LYS B 50 14.09 2.92 -26.02
N ALA B 51 13.32 1.85 -26.19
CA ALA B 51 12.80 1.04 -25.09
C ALA B 51 13.61 -0.26 -25.00
N THR B 52 14.15 -0.55 -23.83
CA THR B 52 15.01 -1.71 -23.59
C THR B 52 14.38 -2.65 -22.56
N GLY B 53 14.49 -3.96 -22.79
CA GLY B 53 14.10 -4.92 -21.76
C GLY B 53 12.66 -5.45 -21.84
N GLU B 54 12.19 -5.91 -20.68
CA GLU B 54 10.90 -6.58 -20.54
C GLU B 54 10.02 -5.88 -19.50
N ARG B 55 8.70 -5.99 -19.69
CA ARG B 55 7.74 -5.69 -18.64
C ARG B 55 6.96 -6.95 -18.27
N THR B 56 6.42 -6.98 -17.06
CA THR B 56 5.62 -8.11 -16.64
C THR B 56 4.19 -7.65 -16.36
N LEU B 57 3.22 -8.36 -16.94
CA LEU B 57 1.84 -8.04 -16.67
C LEU B 57 1.42 -8.67 -15.35
N LEU B 58 0.26 -8.24 -14.85
CA LEU B 58 -0.20 -8.76 -13.57
C LEU B 58 -0.35 -10.27 -13.61
N SER B 59 -0.87 -10.78 -14.71
CA SER B 59 -1.02 -12.21 -14.94
C SER B 59 0.29 -12.97 -14.87
N GLY B 60 1.41 -12.30 -14.94
CA GLY B 60 2.69 -12.97 -15.00
C GLY B 60 3.25 -13.14 -16.40
N GLU B 61 2.46 -12.86 -17.44
CA GLU B 61 2.97 -12.90 -18.81
C GLU B 61 3.99 -11.79 -19.03
N LYS B 62 5.04 -12.09 -19.80
CA LYS B 62 6.08 -11.10 -20.08
C LYS B 62 5.96 -10.55 -21.50
N GLN B 63 6.23 -9.27 -21.64
CA GLN B 63 6.26 -8.56 -22.91
C GLN B 63 7.51 -7.72 -23.02
N PRO B 64 8.05 -7.57 -24.23
CA PRO B 64 9.12 -6.59 -24.46
C PRO B 64 8.68 -5.20 -24.08
N GLN B 65 9.60 -4.48 -23.42
CA GLN B 65 9.43 -3.06 -23.17
C GLN B 65 9.20 -2.32 -24.48
N GLN B 66 8.40 -1.25 -24.42
CA GLN B 66 7.97 -0.57 -25.62
C GLN B 66 7.85 0.91 -25.36
N LEU B 67 8.07 1.71 -26.42
CA LEU B 67 8.10 3.16 -26.26
C LEU B 67 6.76 3.74 -25.80
N ASP B 68 5.64 3.06 -26.07
CA ASP B 68 4.37 3.59 -25.59
C ASP B 68 3.88 2.92 -24.31
N ASP B 69 4.74 2.15 -23.64
CA ASP B 69 4.44 1.70 -22.29
C ASP B 69 4.13 2.92 -21.43
N VAL B 70 3.08 2.82 -20.61
CA VAL B 70 2.72 3.93 -19.73
C VAL B 70 3.57 3.85 -18.47
N LEU B 71 4.23 4.95 -18.14
CA LEU B 71 5.24 5.01 -17.09
C LEU B 71 4.72 5.85 -15.93
N TYR B 72 5.27 5.60 -14.76
CA TYR B 72 5.00 6.45 -13.61
C TYR B 72 6.01 7.59 -13.60
N LEU B 73 5.51 8.83 -13.68
CA LEU B 73 6.43 9.98 -13.66
C LEU B 73 6.96 10.28 -12.28
N ALA B 74 6.23 9.91 -11.23
CA ALA B 74 6.58 10.33 -9.87
C ALA B 74 6.85 11.84 -9.91
N SER B 75 7.93 12.34 -9.31
CA SER B 75 8.14 13.78 -9.23
C SER B 75 8.41 14.45 -10.58
N ALA B 76 8.62 13.69 -11.66
CA ALA B 76 8.62 14.37 -12.94
C ALA B 76 7.30 15.01 -13.25
N THR B 77 6.25 14.69 -12.48
CA THR B 77 4.97 15.38 -12.61
C THR B 77 5.12 16.88 -12.28
N LYS B 78 6.07 17.22 -11.43
CA LYS B 78 6.20 18.60 -10.97
C LYS B 78 6.40 19.56 -12.13
N LEU B 79 7.18 19.17 -13.15
CA LEU B 79 7.35 20.03 -14.32
C LEU B 79 6.02 20.31 -14.99
N ILE B 80 5.21 19.26 -15.21
CA ILE B 80 3.92 19.45 -15.89
C ILE B 80 3.00 20.29 -15.05
N THR B 81 3.05 20.13 -13.72
CA THR B 81 2.25 21.01 -12.88
C THR B 81 2.73 22.45 -12.98
N THR B 82 4.05 22.67 -12.93
CA THR B 82 4.61 24.01 -13.15
C THR B 82 4.04 24.64 -14.41
N ILE B 83 4.02 23.89 -15.50
CA ILE B 83 3.49 24.40 -16.76
C ILE B 83 2.02 24.77 -16.60
N ALA B 84 1.24 23.87 -15.98
CA ALA B 84 -0.18 24.17 -15.76
C ALA B 84 -0.36 25.43 -14.93
N ALA B 85 0.52 25.64 -13.95
CA ALA B 85 0.44 26.83 -13.13
C ALA B 85 0.73 28.11 -13.94
N LEU B 86 1.84 28.10 -14.71
CA LEU B 86 2.17 29.26 -15.54
C LEU B 86 1.13 29.46 -16.64
N GLN B 87 0.50 28.39 -17.10
CA GLN B 87 -0.59 28.58 -18.05
C GLN B 87 -1.74 29.35 -17.43
N CYS B 88 -1.92 29.23 -16.10
CA CYS B 88 -2.93 30.04 -15.42
C CYS B 88 -2.45 31.47 -15.19
N VAL B 89 -1.14 31.67 -15.01
CA VAL B 89 -0.65 33.04 -14.90
C VAL B 89 -0.86 33.77 -16.23
N GLU B 90 -0.73 33.05 -17.35
CA GLU B 90 -1.03 33.62 -18.66
C GLU B 90 -2.49 34.11 -18.74
N ASP B 91 -3.43 33.25 -18.33
CA ASP B 91 -4.84 33.64 -18.32
C ASP B 91 -5.14 34.72 -17.29
N GLY B 92 -4.15 35.11 -16.48
CA GLY B 92 -4.29 36.10 -15.43
C GLY B 92 -5.01 35.62 -14.19
N LEU B 93 -5.38 34.33 -14.10
CA LEU B 93 -6.04 33.81 -12.91
C LEU B 93 -5.12 33.83 -11.70
N LEU B 94 -3.82 33.83 -11.91
CA LEU B 94 -2.87 33.97 -10.82
C LEU B 94 -1.78 34.92 -11.26
N SER B 95 -0.78 35.05 -10.40
CA SER B 95 0.43 35.82 -10.68
C SER B 95 1.47 35.25 -9.73
N LEU B 96 2.74 35.37 -10.10
CA LEU B 96 3.75 34.64 -9.34
C LEU B 96 3.95 35.23 -7.96
N ASP B 97 3.58 36.50 -7.77
CA ASP B 97 3.80 37.13 -6.49
C ASP B 97 2.50 37.48 -5.81
N GLY B 98 1.35 37.18 -6.43
CA GLY B 98 0.09 37.47 -5.80
C GLY B 98 -0.10 36.66 -4.54
N ASP B 99 -0.79 37.25 -3.58
CA ASP B 99 -1.07 36.55 -2.34
C ASP B 99 -2.16 35.52 -2.61
N LEU B 100 -1.88 34.27 -2.25
CA LEU B 100 -2.82 33.18 -2.44
C LEU B 100 -3.67 32.92 -1.20
N SER B 101 -3.51 33.74 -0.15
CA SER B 101 -4.18 33.48 1.13
C SER B 101 -5.68 33.24 1.01
N SER B 102 -6.44 34.08 0.29
CA SER B 102 -7.86 33.76 0.13
C SER B 102 -8.00 32.40 -0.54
N ILE B 103 -7.20 32.15 -1.58
CA ILE B 103 -7.39 30.95 -2.39
C ILE B 103 -6.97 29.72 -1.60
N ALA B 104 -5.87 29.79 -0.85
CA ALA B 104 -5.36 28.66 -0.08
C ALA B 104 -5.26 29.04 1.40
N PRO B 105 -6.41 29.14 2.09
CA PRO B 105 -6.36 29.48 3.52
C PRO B 105 -5.52 28.52 4.33
N GLU B 106 -5.45 27.25 3.91
CA GLU B 106 -4.70 26.24 4.65
C GLU B 106 -3.23 26.61 4.77
N LEU B 107 -2.65 27.27 3.75
CA LEU B 107 -1.26 27.70 3.82
C LEU B 107 -1.11 29.02 4.54
N ALA B 108 -2.13 29.89 4.44
CA ALA B 108 -2.13 31.08 5.27
C ALA B 108 -2.12 30.68 6.74
N ALA B 109 -2.84 29.61 7.08
CA ALA B 109 -2.94 29.16 8.46
C ALA B 109 -1.68 28.50 8.98
N LYS B 110 -0.66 28.28 8.15
CA LYS B 110 0.53 27.58 8.61
C LYS B 110 1.51 28.53 9.28
N TYR B 111 2.04 28.10 10.43
CA TYR B 111 3.09 28.75 11.18
C TYR B 111 4.43 28.06 10.91
N VAL B 112 5.51 28.67 11.40
CA VAL B 112 6.87 28.17 11.18
C VAL B 112 7.38 27.46 12.43
N LEU B 113 7.64 26.17 12.31
CA LEU B 113 8.14 25.39 13.43
C LEU B 113 9.61 25.71 13.70
N THR B 114 9.92 26.06 14.96
CA THR B 114 11.27 26.48 15.37
C THR B 114 11.98 25.47 16.27
N GLY B 115 11.26 24.56 16.90
CA GLY B 115 11.88 23.58 17.77
C GLY B 115 10.88 23.03 18.77
N PHE B 116 11.42 22.26 19.72
CA PHE B 116 10.62 21.61 20.75
C PHE B 116 11.21 21.90 22.13
N THR B 117 10.34 21.96 23.13
CA THR B 117 10.77 22.00 24.52
C THR B 117 11.46 20.68 24.86
N ASP B 118 11.77 20.47 26.14
CA ASP B 118 12.07 19.13 26.61
C ASP B 118 10.82 18.44 27.15
N ASP B 119 9.70 19.18 27.22
CA ASP B 119 8.36 18.61 27.28
C ASP B 119 7.97 17.99 25.93
N GLU B 120 8.79 18.22 24.90
CA GLU B 120 8.52 17.82 23.51
C GLU B 120 7.25 18.52 23.04
N SER B 121 7.32 19.84 23.05
CA SER B 121 6.22 20.69 22.64
C SER B 121 6.73 21.78 21.71
N PRO B 122 5.93 22.19 20.72
CA PRO B 122 6.48 23.02 19.64
C PRO B 122 6.67 24.45 20.12
N LEU B 123 7.85 25.00 19.86
CA LEU B 123 8.03 26.45 19.96
C LEU B 123 7.73 27.05 18.60
N ASP B 124 7.02 28.17 18.61
CA ASP B 124 6.33 28.64 17.43
C ASP B 124 6.78 30.04 17.04
N ASP B 125 6.39 30.43 15.81
CA ASP B 125 6.56 31.71 15.14
C ASP B 125 5.51 31.82 14.05
N PRO B 126 4.81 32.95 13.93
CA PRO B 126 3.79 33.10 12.87
C PRO B 126 4.41 33.47 11.54
N PRO B 127 3.67 33.32 10.43
CA PRO B 127 4.25 33.57 9.09
C PRO B 127 4.52 35.06 8.85
N ALA B 128 5.78 35.37 8.53
CA ALA B 128 6.25 36.74 8.27
C ALA B 128 5.75 37.34 6.96
N ARG B 129 5.21 36.57 6.04
CA ARG B 129 4.83 37.07 4.73
C ARG B 129 3.72 36.16 4.18
N PRO B 130 2.96 36.66 3.21
CA PRO B 130 2.00 35.75 2.53
C PRO B 130 2.75 34.84 1.57
N ILE B 131 2.22 33.63 1.38
CA ILE B 131 2.84 32.67 0.47
C ILE B 131 2.28 32.84 -0.94
N THR B 132 3.19 32.85 -1.91
CA THR B 132 2.92 33.15 -3.30
C THR B 132 3.26 31.96 -4.18
N LEU B 133 2.63 31.93 -5.35
CA LEU B 133 2.83 30.85 -6.31
C LEU B 133 4.29 30.59 -6.60
N LYS B 134 5.09 31.62 -6.76
CA LYS B 134 6.46 31.38 -7.13
C LYS B 134 7.24 30.59 -6.09
N MET B 135 6.91 30.76 -4.83
CA MET B 135 7.63 30.05 -3.80
C MET B 135 7.15 28.61 -3.76
N LEU B 136 5.91 28.38 -4.15
CA LEU B 136 5.40 27.02 -4.24
C LEU B 136 6.20 26.26 -5.28
N LEU B 137 6.45 26.88 -6.44
CA LEU B 137 7.12 26.21 -7.54
C LEU B 137 8.64 26.12 -7.34
N THR B 138 9.21 26.85 -6.40
CA THR B 138 10.66 26.81 -6.21
C THR B 138 11.04 26.20 -4.87
N HIS B 139 10.09 25.57 -4.19
CA HIS B 139 10.32 24.85 -2.92
C HIS B 139 10.96 25.75 -1.89
N SER B 140 10.47 26.99 -1.85
CA SER B 140 10.87 27.98 -0.87
C SER B 140 9.68 28.57 -0.12
N SER B 141 8.51 27.95 -0.23
CA SER B 141 7.36 28.32 0.58
C SER B 141 7.57 27.92 2.03
N GLY B 142 8.38 26.90 2.27
CA GLY B 142 8.54 26.33 3.59
C GLY B 142 7.94 24.96 3.73
N THR B 143 7.03 24.57 2.85
CA THR B 143 6.49 23.22 2.92
C THR B 143 7.57 22.23 2.52
N SER B 144 7.89 21.30 3.42
CA SER B 144 8.91 20.31 3.18
C SER B 144 8.31 18.93 3.30
N TYR B 145 8.85 18.01 2.52
CA TYR B 145 8.57 16.61 2.75
C TYR B 145 9.08 16.22 4.14
N HIS B 146 8.22 15.57 4.91
CA HIS B 146 8.57 15.22 6.28
C HIS B 146 9.79 14.30 6.32
N PHE B 147 10.04 13.54 5.26
CA PHE B 147 11.21 12.68 5.28
C PHE B 147 12.51 13.43 4.98
N LEU B 148 12.45 14.76 4.81
CA LEU B 148 13.65 15.56 4.62
C LEU B 148 13.90 16.56 5.72
N ASP B 149 12.95 16.77 6.63
CA ASP B 149 13.16 17.67 7.76
C ASP B 149 12.81 16.95 9.05
N PRO B 150 13.84 16.41 9.75
CA PRO B 150 13.59 15.77 11.08
C PRO B 150 12.54 16.50 11.95
N SER B 151 12.66 17.80 12.11
CA SER B 151 11.66 18.60 12.82
C SER B 151 10.23 18.29 12.36
N ILE B 152 9.95 18.39 11.06
CA ILE B 152 8.60 18.07 10.57
C ILE B 152 8.28 16.60 10.80
N ALA B 153 9.30 15.74 10.76
CA ALA B 153 9.05 14.31 10.96
C ALA B 153 8.55 14.01 12.37
N LYS B 154 9.24 14.57 13.37
CA LYS B 154 8.78 14.43 14.75
C LYS B 154 7.38 15.01 14.92
N TRP B 155 7.21 16.28 14.55
CA TRP B 155 5.92 16.94 14.68
C TRP B 155 4.80 16.14 14.02
N ARG B 156 5.06 15.57 12.85
CA ARG B 156 4.02 14.85 12.15
C ARG B 156 3.63 13.58 12.88
N ALA B 157 4.60 12.93 13.54
CA ALA B 157 4.35 11.69 14.27
C ALA B 157 3.84 11.88 15.72
N GLN B 158 4.49 12.77 16.48
CA GLN B 158 4.17 13.03 17.89
C GLN B 158 2.73 13.56 18.02
N TYR B 159 2.34 14.44 17.11
CA TYR B 159 0.96 14.91 16.88
C TYR B 159 0.35 14.16 15.70
N ALA B 160 0.55 12.84 15.76
CA ALA B 160 0.00 11.94 14.75
C ALA B 160 -1.48 12.22 14.56
N ASN B 161 -1.95 11.94 13.36
CA ASN B 161 -3.35 11.77 13.12
C ASN B 161 -3.69 10.62 14.05
N PRO B 162 -4.98 10.32 14.17
CA PRO B 162 -5.51 9.05 14.67
C PRO B 162 -5.54 7.93 13.60
N GLU B 163 -4.55 7.93 12.73
CA GLU B 163 -4.51 6.98 11.64
C GLU B 163 -5.83 7.64 11.27
N ASN B 164 -6.91 6.86 11.37
CA ASN B 164 -8.22 7.07 10.75
C ASN B 164 -8.23 6.94 9.25
N GLU B 165 -7.89 5.75 8.83
CA GLU B 165 -7.51 5.49 7.46
C GLU B 165 -8.64 5.76 6.48
N LYS B 166 -8.64 6.96 5.92
CA LYS B 166 -9.53 7.39 4.87
C LYS B 166 -8.62 8.15 3.88
N PRO B 167 -8.66 7.82 2.59
CA PRO B 167 -7.84 8.56 1.62
C PRO B 167 -8.08 10.07 1.69
N ARG B 168 -7.00 10.83 1.74
CA ARG B 168 -7.05 12.28 1.92
C ARG B 168 -6.62 13.03 0.66
N LEU B 169 -7.22 14.22 0.51
CA LEU B 169 -6.82 15.23 -0.45
C LEU B 169 -5.49 15.86 -0.02
N VAL B 170 -4.99 16.73 -0.89
CA VAL B 170 -3.72 17.42 -0.66
C VAL B 170 -3.76 18.18 0.67
N GLU B 171 -4.81 18.97 0.88
CA GLU B 171 -4.91 19.75 2.11
C GLU B 171 -5.13 18.85 3.32
N GLU B 172 -5.91 17.78 3.17
CA GLU B 172 -6.09 16.83 4.26
C GLU B 172 -4.84 16.00 4.52
N MET B 173 -3.79 16.16 3.71
CA MET B 173 -2.56 15.38 3.82
C MET B 173 -1.34 16.20 4.19
N PHE B 174 -1.16 17.37 3.61
CA PHE B 174 0.02 18.20 3.89
C PHE B 174 -0.36 19.26 4.91
N THR B 175 -0.52 18.78 6.13
CA THR B 175 -1.04 19.57 7.23
C THR B 175 0.08 20.10 8.12
N TYR B 176 1.34 19.89 7.74
CA TYR B 176 2.45 20.15 8.65
C TYR B 176 2.75 21.64 8.71
N PRO B 177 3.56 22.06 9.67
CA PRO B 177 4.03 23.45 9.68
C PRO B 177 5.02 23.71 8.56
N LEU B 178 5.29 24.99 8.33
CA LEU B 178 6.40 25.36 7.45
C LEU B 178 7.71 25.04 8.18
N SER B 179 8.79 24.92 7.41
CA SER B 179 10.08 24.57 7.99
C SER B 179 11.01 25.77 8.14
N PHE B 180 10.63 26.91 7.59
CA PHE B 180 11.39 28.16 7.60
C PHE B 180 10.41 29.24 7.19
N GLN B 181 10.84 30.50 7.26
CA GLN B 181 9.87 31.55 6.96
C GLN B 181 9.73 31.70 5.45
N PRO B 182 8.47 31.86 4.91
CA PRO B 182 8.29 32.03 3.46
C PRO B 182 9.29 33.01 2.86
N GLY B 183 9.94 32.57 1.77
CA GLY B 183 10.93 33.33 1.06
C GLY B 183 12.36 33.15 1.52
N THR B 184 12.58 32.75 2.76
CA THR B 184 13.91 32.84 3.35
C THR B 184 14.73 31.57 3.19
N GLY B 185 14.24 30.56 2.51
CA GLY B 185 14.97 29.31 2.42
C GLY B 185 14.49 28.43 1.30
N TRP B 186 15.05 27.21 1.27
CA TRP B 186 14.73 26.23 0.24
C TRP B 186 14.73 24.84 0.86
N MET B 187 13.66 24.09 0.63
CA MET B 187 13.67 22.66 0.94
C MET B 187 12.58 21.97 0.14
N TYR B 188 12.95 20.88 -0.50
CA TYR B 188 12.05 20.14 -1.37
C TYR B 188 10.80 19.70 -0.62
N GLY B 189 9.62 19.97 -1.19
CA GLY B 189 8.40 19.66 -0.51
C GLY B 189 7.17 19.64 -1.40
N PRO B 190 6.00 19.65 -0.77
CA PRO B 190 4.73 19.51 -1.51
C PRO B 190 4.29 20.77 -2.23
N GLY B 191 5.22 21.71 -2.47
CA GLY B 191 4.85 22.99 -3.05
C GLY B 191 3.99 22.87 -4.29
N LEU B 192 4.23 21.83 -5.09
CA LEU B 192 3.48 21.69 -6.33
C LEU B 192 2.23 20.86 -6.18
N ASP B 193 2.12 20.09 -5.09
CA ASP B 193 0.81 19.56 -4.74
C ASP B 193 -0.14 20.69 -4.36
N TRP B 194 0.36 21.62 -3.54
CA TRP B 194 -0.42 22.82 -3.25
C TRP B 194 -0.76 23.56 -4.55
N ALA B 195 0.22 23.77 -5.42
CA ALA B 195 -0.02 24.54 -6.64
C ALA B 195 -1.12 23.90 -7.49
N GLY B 196 -1.06 22.57 -7.65
CA GLY B 196 -2.10 21.88 -8.42
C GLY B 196 -3.48 22.01 -7.84
N ARG B 197 -3.60 22.03 -6.50
CA ARG B 197 -4.88 22.32 -5.88
C ARG B 197 -5.35 23.72 -6.22
N VAL B 198 -4.46 24.73 -6.09
CA VAL B 198 -4.80 26.10 -6.46
C VAL B 198 -5.30 26.17 -7.89
N VAL B 199 -4.64 25.47 -8.79
CA VAL B 199 -5.12 25.42 -10.17
C VAL B 199 -6.53 24.87 -10.22
N GLU B 200 -6.75 23.73 -9.55
CA GLU B 200 -8.07 23.12 -9.49
C GLU B 200 -9.12 24.09 -8.96
N ARG B 201 -8.74 24.92 -7.99
CA ARG B 201 -9.67 25.88 -7.40
C ARG B 201 -9.95 27.04 -8.38
N VAL B 202 -8.92 27.79 -8.77
CA VAL B 202 -9.12 28.96 -9.62
C VAL B 202 -9.73 28.60 -10.98
N THR B 203 -9.62 27.33 -11.41
CA THR B 203 -10.21 26.85 -12.66
C THR B 203 -11.63 26.36 -12.53
N GLY B 204 -12.04 25.84 -11.38
CA GLY B 204 -13.36 25.23 -11.25
C GLY B 204 -13.45 23.90 -11.99
N GLY B 205 -12.37 23.14 -11.98
CA GLY B 205 -12.31 21.81 -12.57
C GLY B 205 -11.18 21.04 -11.92
N THR B 206 -11.04 19.79 -12.36
CA THR B 206 -9.95 18.98 -11.83
C THR B 206 -8.64 19.33 -12.54
N LEU B 207 -7.53 19.05 -11.86
CA LEU B 207 -6.22 19.28 -12.48
C LEU B 207 -6.08 18.51 -13.79
N MET B 208 -6.50 17.24 -13.81
CA MET B 208 -6.41 16.43 -15.02
C MET B 208 -7.26 17.01 -16.16
N GLU B 209 -8.44 17.57 -15.82
CA GLU B 209 -9.24 18.24 -16.83
C GLU B 209 -8.49 19.41 -17.48
N PHE B 210 -7.89 20.27 -16.65
CA PHE B 210 -7.15 21.41 -17.16
C PHE B 210 -6.01 20.94 -18.06
N MET B 211 -5.12 20.12 -17.51
CA MET B 211 -3.98 19.60 -18.26
C MET B 211 -4.41 18.92 -19.56
N GLN B 212 -5.53 18.25 -19.55
CA GLN B 212 -5.94 17.55 -20.73
C GLN B 212 -6.31 18.47 -21.87
N LYS B 213 -6.61 19.71 -21.56
CA LYS B 213 -7.01 20.59 -22.62
C LYS B 213 -5.92 21.56 -22.98
N ARG B 214 -5.10 21.90 -22.01
CA ARG B 214 -4.08 22.90 -22.20
C ARG B 214 -2.68 22.36 -22.35
N ILE B 215 -2.48 21.08 -22.15
CA ILE B 215 -1.17 20.52 -22.38
C ILE B 215 -1.31 19.29 -23.28
N PHE B 216 -2.14 18.34 -22.88
CA PHE B 216 -2.14 17.07 -23.61
C PHE B 216 -2.86 17.19 -24.95
N ASP B 217 -3.98 17.92 -24.99
CA ASP B 217 -4.67 18.15 -26.27
C ASP B 217 -3.81 18.89 -27.27
N PRO B 218 -3.16 20.03 -26.92
CA PRO B 218 -2.28 20.69 -27.91
C PRO B 218 -1.23 19.79 -28.53
N LEU B 219 -0.65 18.87 -27.73
CA LEU B 219 0.46 18.04 -28.19
C LEU B 219 0.02 16.69 -28.72
N GLY B 220 -1.27 16.42 -28.81
CA GLY B 220 -1.71 15.11 -29.26
C GLY B 220 -1.57 14.00 -28.25
N ILE B 221 -1.53 14.33 -26.95
CA ILE B 221 -1.36 13.34 -25.90
C ILE B 221 -2.73 12.96 -25.37
N THR B 222 -3.04 11.68 -25.45
CA THR B 222 -4.31 11.21 -24.94
C THR B 222 -4.19 10.19 -23.80
N ASP B 223 -3.01 9.59 -23.61
CA ASP B 223 -2.87 8.43 -22.73
C ASP B 223 -2.20 8.83 -21.41
N SER B 224 -2.84 9.77 -20.74
CA SER B 224 -2.38 10.28 -19.46
C SER B 224 -3.52 10.16 -18.45
N GLN B 225 -3.14 9.92 -17.18
CA GLN B 225 -4.07 9.86 -16.05
C GLN B 225 -3.26 9.97 -14.76
N PHE B 226 -3.84 10.63 -13.76
CA PHE B 226 -3.23 10.68 -12.44
C PHE B 226 -3.46 9.37 -11.70
N TYR B 227 -2.70 9.17 -10.63
CA TYR B 227 -3.00 8.06 -9.72
C TYR B 227 -4.40 8.29 -9.12
N PRO B 228 -5.24 7.26 -9.11
CA PRO B 228 -5.03 5.90 -9.60
C PRO B 228 -5.46 5.70 -11.06
N VAL B 229 -4.73 4.87 -11.78
CA VAL B 229 -4.95 4.71 -13.21
C VAL B 229 -6.14 3.77 -13.36
N THR B 230 -7.32 4.34 -13.60
CA THR B 230 -8.53 3.54 -13.71
C THR B 230 -8.89 3.17 -15.15
N ARG B 231 -8.35 3.85 -16.14
CA ARG B 231 -8.70 3.53 -17.53
C ARG B 231 -8.17 2.15 -17.92
N GLU B 232 -9.06 1.26 -18.37
CA GLU B 232 -8.61 -0.10 -18.73
C GLU B 232 -7.61 -0.08 -19.89
N ASP B 233 -7.73 0.88 -20.81
CA ASP B 233 -6.81 0.90 -21.95
C ASP B 233 -5.39 1.25 -21.53
N LEU B 234 -5.23 2.10 -20.51
CA LEU B 234 -3.90 2.38 -19.98
C LEU B 234 -3.36 1.22 -19.15
N ARG B 235 -4.22 0.61 -18.32
CA ARG B 235 -3.73 -0.42 -17.40
C ARG B 235 -3.13 -1.60 -18.15
N ALA B 236 -3.62 -1.85 -19.36
CA ALA B 236 -3.07 -2.91 -20.17
C ALA B 236 -1.63 -2.65 -20.56
N ARG B 237 -1.18 -1.39 -20.45
CA ARG B 237 0.17 -0.97 -20.77
C ARG B 237 0.94 -0.43 -19.56
N LEU B 238 0.37 -0.48 -18.35
CA LEU B 238 1.04 0.00 -17.16
C LEU B 238 2.23 -0.87 -16.82
N VAL B 239 3.41 -0.26 -16.76
CA VAL B 239 4.60 -0.98 -16.38
C VAL B 239 4.51 -1.43 -14.93
N ASP B 240 4.03 -0.55 -14.07
CA ASP B 240 4.04 -0.76 -12.63
C ASP B 240 2.83 -1.51 -12.12
N LEU B 241 2.01 -2.07 -13.02
CA LEU B 241 0.92 -2.97 -12.68
C LEU B 241 1.47 -4.37 -12.95
N ASN B 242 2.09 -4.96 -11.93
CA ASN B 242 2.86 -6.19 -12.16
C ASN B 242 2.88 -6.97 -10.84
N PRO B 243 3.38 -8.22 -10.87
CA PRO B 243 3.27 -9.03 -9.66
C PRO B 243 3.95 -8.45 -8.45
N SER B 244 4.97 -7.61 -8.61
CA SER B 244 5.60 -6.96 -7.46
C SER B 244 4.86 -5.71 -7.01
N ASP B 245 3.98 -5.19 -7.83
CA ASP B 245 3.30 -3.94 -7.53
C ASP B 245 1.84 -4.09 -7.94
N PRO B 246 1.09 -4.99 -7.30
CA PRO B 246 -0.26 -5.27 -7.79
C PRO B 246 -1.21 -4.09 -7.66
N GLY B 247 -0.84 -3.03 -6.94
CA GLY B 247 -1.66 -1.84 -6.90
C GLY B 247 -1.27 -0.72 -7.86
N ALA B 248 -0.19 -0.89 -8.63
CA ALA B 248 0.31 0.13 -9.55
C ALA B 248 0.58 1.44 -8.80
N LEU B 249 1.35 1.33 -7.74
CA LEU B 249 1.69 2.49 -6.92
C LEU B 249 2.96 3.19 -7.41
N GLY B 250 3.77 2.52 -8.23
CA GLY B 250 5.08 3.03 -8.56
C GLY B 250 6.13 2.64 -7.56
N SER B 251 6.02 1.46 -6.94
CA SER B 251 6.99 1.06 -5.92
C SER B 251 8.41 1.06 -6.48
N ALA B 252 8.60 0.53 -7.69
CA ALA B 252 9.93 0.43 -8.27
C ALA B 252 10.51 1.79 -8.64
N VAL B 253 9.65 2.79 -8.88
CA VAL B 253 10.13 4.11 -9.24
C VAL B 253 10.54 4.90 -8.01
N ILE B 254 9.70 4.89 -6.98
CA ILE B 254 9.99 5.64 -5.77
C ILE B 254 11.05 4.91 -4.94
N GLY B 255 11.23 3.63 -5.20
CA GLY B 255 12.28 2.85 -4.55
C GLY B 255 11.82 2.24 -3.23
N GLY B 256 12.66 2.38 -2.21
CA GLY B 256 12.30 1.89 -0.89
C GLY B 256 11.45 2.90 -0.15
N GLY B 257 11.35 2.69 1.17
CA GLY B 257 10.81 3.69 2.06
C GLY B 257 9.32 3.95 1.98
N GLY B 258 8.62 3.47 0.97
CA GLY B 258 7.20 3.71 0.88
C GLY B 258 6.82 4.38 -0.44
N GLU B 259 5.56 4.81 -0.50
CA GLU B 259 4.96 5.24 -1.76
C GLU B 259 4.19 6.54 -1.57
N MET B 260 4.43 7.50 -2.47
CA MET B 260 3.68 8.77 -2.48
C MET B 260 2.19 8.59 -2.71
N ASN B 261 1.80 7.65 -3.56
CA ASN B 261 0.40 7.58 -3.98
C ASN B 261 -0.54 6.93 -2.97
N LEU B 262 -0.03 6.24 -1.96
CA LEU B 262 -0.83 5.15 -1.38
C LEU B 262 -2.11 5.64 -0.70
N ARG B 263 -2.04 6.71 0.09
CA ARG B 263 -3.18 7.08 0.94
C ARG B 263 -3.84 8.38 0.50
N GLY B 264 -3.90 8.60 -0.82
CA GLY B 264 -4.48 9.84 -1.29
C GLY B 264 -5.71 9.69 -2.15
N ARG B 265 -6.43 10.79 -2.33
CA ARG B 265 -7.49 10.87 -3.33
C ARG B 265 -7.43 12.23 -4.01
N GLY B 266 -7.92 12.27 -5.25
CA GLY B 266 -7.75 13.44 -6.09
C GLY B 266 -6.39 13.49 -6.75
N ALA B 267 -6.22 14.49 -7.61
CA ALA B 267 -4.95 14.67 -8.30
C ALA B 267 -3.88 15.15 -7.32
N PHE B 268 -2.67 14.65 -7.51
CA PHE B 268 -1.51 15.14 -6.76
C PHE B 268 -0.48 15.67 -7.75
N GLY B 269 -0.45 17.00 -7.91
CA GLY B 269 0.45 17.60 -8.88
C GLY B 269 1.93 17.43 -8.59
N GLY B 270 2.28 17.07 -7.35
CA GLY B 270 3.68 16.84 -7.00
C GLY B 270 4.29 15.52 -7.48
N HIS B 271 3.47 14.49 -7.72
CA HIS B 271 4.03 13.16 -7.89
C HIS B 271 3.09 12.15 -8.53
N GLY B 272 1.94 12.60 -9.04
CA GLY B 272 0.87 11.67 -9.32
C GLY B 272 0.64 11.19 -10.73
N LEU B 273 1.40 11.66 -11.72
CA LEU B 273 1.06 11.46 -13.13
C LEU B 273 1.68 10.20 -13.73
N PHE B 274 0.94 9.59 -14.66
CA PHE B 274 1.39 8.47 -15.48
C PHE B 274 1.31 8.88 -16.95
N LEU B 275 2.28 8.44 -17.75
CA LEU B 275 2.52 9.05 -19.07
C LEU B 275 3.50 8.17 -19.81
N THR B 276 3.40 8.16 -21.15
CA THR B 276 4.41 7.45 -21.93
C THR B 276 5.65 8.32 -22.14
N GLY B 277 6.80 7.66 -22.30
CA GLY B 277 8.03 8.38 -22.59
C GLY B 277 7.91 9.22 -23.86
N LEU B 278 7.30 8.66 -24.91
CA LEU B 278 7.06 9.43 -26.12
C LEU B 278 6.26 10.68 -25.81
N ASP B 279 5.27 10.58 -24.95
CA ASP B 279 4.45 11.78 -24.73
C ASP B 279 5.16 12.80 -23.86
N PHE B 280 5.98 12.34 -22.90
CA PHE B 280 6.66 13.28 -22.04
C PHE B 280 7.67 14.08 -22.84
N VAL B 281 8.35 13.42 -23.79
CA VAL B 281 9.41 14.12 -24.51
C VAL B 281 8.82 15.24 -25.37
N LYS B 282 7.55 15.11 -25.80
CA LYS B 282 6.86 16.20 -26.48
C LYS B 282 6.77 17.45 -25.62
N ILE B 283 6.47 17.29 -24.34
CA ILE B 283 6.37 18.48 -23.51
C ILE B 283 7.75 19.12 -23.38
N LEU B 284 8.76 18.30 -23.12
CA LEU B 284 10.13 18.79 -23.04
C LEU B 284 10.50 19.53 -24.31
N ARG B 285 10.10 19.00 -25.45
CA ARG B 285 10.52 19.57 -26.71
C ARG B 285 9.75 20.84 -27.03
N SER B 286 8.44 20.83 -26.79
CA SER B 286 7.66 22.05 -26.92
C SER B 286 8.29 23.20 -26.13
N LEU B 287 8.95 22.89 -25.04
CA LEU B 287 9.63 23.94 -24.29
C LEU B 287 11.05 24.20 -24.80
N LEU B 288 11.76 23.17 -25.27
CA LEU B 288 13.08 23.37 -25.84
C LEU B 288 13.01 24.26 -27.08
N ALA B 289 12.14 23.90 -28.02
CA ALA B 289 11.90 24.69 -29.22
C ALA B 289 11.30 26.05 -28.91
N ASN B 290 10.60 26.17 -27.79
CA ASN B 290 9.78 27.32 -27.47
C ASN B 290 8.85 27.69 -28.63
N ASP B 291 8.02 26.71 -29.02
CA ASP B 291 7.15 26.82 -30.19
C ASP B 291 5.78 27.38 -29.84
N GLY B 292 5.63 27.96 -28.65
CA GLY B 292 4.38 28.59 -28.23
C GLY B 292 3.16 27.69 -28.20
N MET B 293 3.34 26.37 -28.08
CA MET B 293 2.20 25.47 -28.07
C MET B 293 1.56 25.35 -26.68
N LEU B 294 2.31 25.60 -25.62
CA LEU B 294 1.76 25.57 -24.28
C LEU B 294 1.83 26.92 -23.61
N LEU B 295 2.88 27.69 -23.89
CA LEU B 295 3.08 29.00 -23.29
C LEU B 295 3.64 29.94 -24.34
N LYS B 296 3.53 31.19 -24.05
CA LYS B 296 4.15 32.13 -24.94
C LYS B 296 5.60 32.34 -24.54
N PRO B 297 6.48 32.59 -25.52
CA PRO B 297 7.92 32.38 -25.30
C PRO B 297 8.53 33.23 -24.20
N ALA B 298 7.99 34.41 -23.91
CA ALA B 298 8.51 35.17 -22.78
C ALA B 298 8.29 34.41 -21.48
N ALA B 299 7.12 33.79 -21.34
CA ALA B 299 6.81 33.02 -20.13
C ALA B 299 7.76 31.83 -20.01
N VAL B 300 7.96 31.12 -21.12
CA VAL B 300 8.92 30.04 -21.13
C VAL B 300 10.30 30.55 -20.72
N ASP B 301 10.73 31.67 -21.31
CA ASP B 301 12.02 32.26 -20.97
C ASP B 301 12.19 32.44 -19.47
N ASN B 302 11.11 32.81 -18.78
CA ASN B 302 11.22 33.02 -17.35
C ASN B 302 11.44 31.73 -16.56
N MET B 303 11.09 30.57 -17.13
CA MET B 303 11.34 29.33 -16.39
C MET B 303 12.83 29.09 -16.19
N PHE B 304 13.67 29.61 -17.09
CA PHE B 304 15.10 29.33 -17.02
C PHE B 304 15.89 30.43 -16.34
N GLN B 305 15.30 31.09 -15.34
CA GLN B 305 16.00 32.11 -14.57
C GLN B 305 16.16 31.66 -13.12
N GLN B 306 17.23 32.11 -12.47
CA GLN B 306 17.36 31.83 -11.04
C GLN B 306 16.28 32.61 -10.30
N HIS B 307 15.40 31.90 -9.60
CA HIS B 307 14.27 32.53 -8.96
C HIS B 307 14.33 32.51 -7.43
N LEU B 308 15.37 31.92 -6.85
CA LEU B 308 15.56 32.02 -5.40
C LEU B 308 16.20 33.36 -5.07
N GLY B 309 15.60 34.09 -4.12
CA GLY B 309 16.22 35.29 -3.62
C GLY B 309 17.51 34.90 -2.92
N PRO B 310 18.35 35.90 -2.62
CA PRO B 310 19.64 35.59 -1.98
C PRO B 310 19.52 34.70 -0.75
N GLU B 311 18.57 35.01 0.15
CA GLU B 311 18.38 34.19 1.34
C GLU B 311 17.98 32.77 0.97
N ALA B 312 17.00 32.63 0.08
CA ALA B 312 16.60 31.31 -0.40
C ALA B 312 17.77 30.59 -1.03
N ALA B 313 18.52 31.28 -1.89
CA ALA B 313 19.57 30.64 -2.67
C ALA B 313 20.66 30.05 -1.79
N ALA B 314 21.11 30.79 -0.77
CA ALA B 314 22.11 30.24 0.15
C ALA B 314 21.59 29.00 0.86
N SER B 315 20.29 29.01 1.21
CA SER B 315 19.68 27.83 1.82
C SER B 315 19.77 26.64 0.87
N HIS B 316 19.42 26.88 -0.39
CA HIS B 316 19.53 25.87 -1.43
C HIS B 316 20.92 25.25 -1.47
N ARG B 317 21.96 26.08 -1.62
CA ARG B 317 23.30 25.52 -1.73
C ARG B 317 23.75 24.89 -0.42
N ALA B 318 23.13 25.30 0.70
CA ALA B 318 23.40 24.60 1.95
C ALA B 318 22.83 23.20 1.92
N ALA B 319 21.60 23.06 1.40
CA ALA B 319 21.01 21.74 1.25
C ALA B 319 21.82 20.91 0.26
N LEU B 320 22.31 21.55 -0.82
CA LEU B 320 23.10 20.84 -1.80
C LEU B 320 24.41 20.33 -1.24
N ALA B 321 24.86 20.87 -0.11
CA ALA B 321 26.03 20.37 0.59
C ALA B 321 25.68 19.55 1.83
N SER B 322 24.39 19.51 2.22
CA SER B 322 23.94 18.63 3.30
C SER B 322 24.20 17.18 2.91
N PRO B 323 24.08 16.22 3.83
CA PRO B 323 24.25 14.82 3.43
C PRO B 323 23.18 14.33 2.47
N LEU B 324 22.15 15.12 2.20
CA LEU B 324 21.17 14.76 1.19
C LEU B 324 21.39 15.49 -0.13
N GLY B 325 22.51 16.20 -0.27
CA GLY B 325 22.92 16.82 -1.50
C GLY B 325 22.79 15.96 -2.76
N PRO B 326 23.27 14.70 -2.71
CA PRO B 326 23.18 13.87 -3.92
C PRO B 326 21.79 13.85 -4.52
N PHE B 327 20.75 13.69 -3.70
CA PHE B 327 19.41 13.72 -4.22
C PHE B 327 19.11 15.04 -4.92
N PHE B 328 19.48 16.15 -4.28
CA PHE B 328 19.10 17.46 -4.78
C PHE B 328 19.89 17.93 -6.01
N ARG B 329 21.08 17.34 -6.26
CA ARG B 329 21.96 17.82 -7.31
C ARG B 329 21.66 17.24 -8.68
N VAL B 330 20.95 16.12 -8.75
CA VAL B 330 20.45 15.59 -10.02
C VAL B 330 21.63 15.28 -10.94
N GLY B 331 22.69 14.71 -10.39
CA GLY B 331 23.86 14.35 -11.18
C GLY B 331 24.86 15.45 -11.45
N THR B 332 24.54 16.71 -11.16
CA THR B 332 25.49 17.79 -11.41
C THR B 332 26.65 17.74 -10.41
N ASP B 333 27.73 18.39 -10.78
CA ASP B 333 28.93 18.41 -9.96
C ASP B 333 28.72 19.29 -8.72
N PRO B 334 29.18 18.86 -7.55
CA PRO B 334 29.12 19.74 -6.37
C PRO B 334 29.78 21.11 -6.57
N GLU B 335 30.58 21.30 -7.63
CA GLU B 335 31.21 22.58 -7.89
C GLU B 335 30.51 23.39 -8.97
N THR B 336 29.41 22.91 -9.53
CA THR B 336 28.72 23.62 -10.60
C THR B 336 27.72 24.59 -9.97
N LYS B 337 27.85 25.86 -10.31
CA LYS B 337 26.91 26.85 -9.77
C LYS B 337 25.51 26.55 -10.31
N VAL B 338 24.56 26.41 -9.40
CA VAL B 338 23.19 26.04 -9.73
C VAL B 338 22.23 26.95 -9.00
N GLY B 339 21.04 27.11 -9.56
CA GLY B 339 19.96 27.78 -8.87
C GLY B 339 18.70 26.95 -8.93
N TYR B 340 17.52 27.56 -8.79
CA TYR B 340 16.27 26.84 -9.00
C TYR B 340 15.35 27.71 -9.85
N GLY B 341 14.97 27.21 -11.02
CA GLY B 341 14.06 27.92 -11.89
C GLY B 341 12.62 27.47 -11.68
N LEU B 342 11.76 27.89 -12.60
CA LEU B 342 10.37 27.44 -12.53
C LEU B 342 10.28 26.10 -13.25
N GLY B 343 10.50 25.03 -12.50
CA GLY B 343 10.31 23.71 -13.04
C GLY B 343 11.37 22.71 -12.59
N GLY B 344 12.45 23.17 -11.98
CA GLY B 344 13.51 22.24 -11.61
C GLY B 344 14.79 22.96 -11.25
N LEU B 345 15.86 22.19 -11.07
CA LEU B 345 17.16 22.79 -10.80
C LEU B 345 17.68 23.47 -12.05
N LEU B 346 18.36 24.60 -11.87
CA LEU B 346 18.85 25.43 -12.99
C LEU B 346 20.36 25.57 -12.90
N THR B 347 21.08 25.13 -13.93
CA THR B 347 22.53 25.34 -13.96
C THR B 347 22.82 26.80 -14.27
N LEU B 348 23.79 27.36 -13.56
CA LEU B 348 24.14 28.76 -13.72
C LEU B 348 25.40 28.98 -14.56
N GLU B 349 26.34 28.05 -14.54
CA GLU B 349 27.50 28.06 -15.41
C GLU B 349 27.37 26.96 -16.47
N ASP B 350 28.34 26.90 -17.36
CA ASP B 350 28.36 25.91 -18.43
C ASP B 350 29.24 24.74 -17.98
N VAL B 351 29.01 23.57 -18.56
CA VAL B 351 29.83 22.39 -18.32
C VAL B 351 30.23 21.85 -19.69
N ASP B 352 31.53 21.69 -19.91
CA ASP B 352 32.00 21.47 -21.27
C ASP B 352 31.65 20.07 -21.75
N GLY B 353 30.95 19.98 -22.87
CA GLY B 353 30.51 18.69 -23.36
C GLY B 353 29.43 18.05 -22.52
N TRP B 354 28.79 18.83 -21.64
CA TRP B 354 27.62 18.35 -20.92
C TRP B 354 26.61 19.49 -20.90
N TYR B 355 25.91 19.68 -19.79
CA TYR B 355 24.82 20.65 -19.74
C TYR B 355 25.33 22.06 -20.01
N GLY B 356 24.72 22.73 -20.98
CA GLY B 356 24.95 24.16 -21.12
C GLY B 356 24.43 24.91 -19.92
N GLU B 357 24.89 26.16 -19.77
CA GLU B 357 24.30 27.01 -18.74
C GLU B 357 22.81 27.20 -19.02
N ARG B 358 22.07 27.46 -17.95
CA ARG B 358 20.60 27.48 -17.96
C ARG B 358 20.02 26.18 -18.49
N THR B 359 20.59 25.06 -18.06
CA THR B 359 19.93 23.78 -18.24
C THR B 359 18.94 23.59 -17.10
N LEU B 360 17.71 23.22 -17.44
CA LEU B 360 16.69 22.86 -16.46
C LEU B 360 16.64 21.34 -16.31
N THR B 361 16.64 20.85 -15.07
CA THR B 361 16.63 19.42 -14.86
C THR B 361 16.02 19.04 -13.51
N TRP B 362 15.27 17.95 -13.50
CA TRP B 362 14.83 17.31 -12.26
C TRP B 362 14.65 15.82 -12.56
N GLY B 363 13.83 15.15 -11.75
CA GLY B 363 13.68 13.73 -11.89
C GLY B 363 12.40 13.24 -11.25
N GLY B 364 12.25 11.92 -11.21
CA GLY B 364 11.13 11.29 -10.55
C GLY B 364 11.61 10.10 -9.75
N GLY B 365 11.40 10.12 -8.44
CA GLY B 365 11.85 9.02 -7.61
C GLY B 365 13.36 8.84 -7.75
N LEU B 366 13.78 7.58 -7.79
CA LEU B 366 15.19 7.27 -7.94
C LEU B 366 15.57 6.79 -9.33
N THR B 367 14.63 6.73 -10.28
CA THR B 367 14.86 6.02 -11.54
C THR B 367 14.53 6.83 -12.78
N LEU B 368 14.03 8.04 -12.62
CA LEU B 368 13.67 8.87 -13.75
C LEU B 368 14.38 10.21 -13.63
N THR B 369 14.79 10.76 -14.77
CA THR B 369 15.46 12.06 -14.79
C THR B 369 15.26 12.67 -16.16
N TRP B 370 15.11 14.00 -16.18
CA TRP B 370 14.92 14.72 -17.43
C TRP B 370 15.72 16.02 -17.42
N PHE B 371 16.00 16.55 -18.61
CA PHE B 371 16.73 17.80 -18.73
C PHE B 371 16.27 18.53 -19.98
N ILE B 372 16.33 19.85 -19.92
CA ILE B 372 16.13 20.73 -21.07
C ILE B 372 17.36 21.63 -21.16
N ASP B 373 18.14 21.47 -22.22
CA ASP B 373 19.40 22.20 -22.44
C ASP B 373 19.20 23.12 -23.64
N ARG B 374 18.78 24.36 -23.38
CA ARG B 374 18.47 25.27 -24.48
C ARG B 374 19.72 25.72 -25.22
N LYS B 375 20.83 25.90 -24.51
CA LYS B 375 22.03 26.42 -25.13
C LYS B 375 22.62 25.43 -26.14
N ASN B 376 22.60 24.14 -25.82
CA ASN B 376 23.13 23.12 -26.73
C ASN B 376 22.05 22.45 -27.57
N ASN B 377 20.80 22.95 -27.52
CA ASN B 377 19.69 22.43 -28.32
C ASN B 377 19.56 20.92 -28.17
N LEU B 378 19.29 20.48 -26.94
CA LEU B 378 19.02 19.08 -26.64
C LEU B 378 18.10 19.00 -25.42
N CYS B 379 17.13 18.08 -25.46
CA CYS B 379 16.36 17.72 -24.28
C CYS B 379 16.07 16.22 -24.29
N GLY B 380 15.71 15.69 -23.12
CA GLY B 380 15.47 14.26 -23.03
C GLY B 380 15.02 13.80 -21.67
N VAL B 381 14.58 12.54 -21.62
CA VAL B 381 14.17 11.89 -20.37
C VAL B 381 14.61 10.43 -20.36
N GLY B 382 15.14 10.00 -19.22
CA GLY B 382 15.47 8.60 -19.06
C GLY B 382 14.72 8.01 -17.88
N ALA B 383 14.06 6.86 -18.07
CA ALA B 383 13.24 6.25 -17.03
C ALA B 383 13.67 4.80 -16.86
N ILE B 384 14.47 4.52 -15.82
CA ILE B 384 14.82 3.13 -15.50
C ILE B 384 13.61 2.44 -14.88
N GLN B 385 13.30 1.24 -15.36
CA GLN B 385 12.23 0.40 -14.79
C GLN B 385 12.88 -0.61 -13.85
N ALA B 386 12.95 -0.24 -12.57
CA ALA B 386 13.76 -0.97 -11.60
C ALA B 386 13.09 -2.28 -11.15
N VAL B 387 13.83 -3.05 -10.35
CA VAL B 387 13.36 -4.28 -9.71
C VAL B 387 13.47 -4.12 -8.20
N LEU B 388 12.47 -4.61 -7.46
CA LEU B 388 12.53 -4.48 -6.02
C LEU B 388 13.45 -5.55 -5.39
N PRO B 389 14.26 -5.15 -4.39
CA PRO B 389 14.42 -3.78 -3.86
C PRO B 389 15.30 -2.92 -4.76
N VAL B 390 14.98 -1.64 -4.83
CA VAL B 390 15.67 -0.74 -5.73
C VAL B 390 17.03 -0.39 -5.15
N ASP B 391 18.07 -0.62 -5.95
CA ASP B 391 19.43 -0.34 -5.54
C ASP B 391 19.71 1.14 -5.82
N GLY B 392 19.67 1.97 -4.77
CA GLY B 392 19.72 3.41 -4.97
C GLY B 392 21.04 3.93 -5.53
N ASP B 393 22.17 3.43 -5.03
CA ASP B 393 23.44 3.88 -5.59
C ASP B 393 23.60 3.41 -7.03
N LEU B 394 23.27 2.15 -7.30
CA LEU B 394 23.35 1.65 -8.67
C LEU B 394 22.43 2.42 -9.60
N MET B 395 21.27 2.86 -9.11
CA MET B 395 20.38 3.64 -9.96
C MET B 395 21.01 4.96 -10.31
N ALA B 396 21.71 5.58 -9.35
CA ALA B 396 22.37 6.84 -9.61
C ALA B 396 23.31 6.74 -10.81
N ASP B 397 24.06 5.64 -10.89
CA ASP B 397 24.93 5.42 -12.03
C ASP B 397 24.14 5.23 -13.32
N LEU B 398 23.11 4.38 -13.28
CA LEU B 398 22.32 4.14 -14.49
C LEU B 398 21.77 5.45 -15.04
N LYS B 399 21.39 6.38 -14.16
CA LYS B 399 20.88 7.65 -14.65
C LYS B 399 22.00 8.50 -15.24
N GLN B 400 23.15 8.56 -14.55
CA GLN B 400 24.32 9.23 -15.09
C GLN B 400 24.72 8.68 -16.44
N THR B 401 24.75 7.35 -16.56
CA THR B 401 25.04 6.77 -17.87
C THR B 401 24.16 7.38 -18.94
N PHE B 402 22.86 7.50 -18.68
CA PHE B 402 22.01 8.16 -19.66
C PHE B 402 22.36 9.63 -19.81
N ARG B 403 22.52 10.36 -18.71
CA ARG B 403 22.69 11.80 -18.83
C ARG B 403 23.92 12.15 -19.65
N HIS B 404 24.99 11.37 -19.54
CA HIS B 404 26.17 11.63 -20.34
C HIS B 404 26.15 10.89 -21.68
N ASP B 405 25.77 9.61 -21.72
CA ASP B 405 25.78 8.91 -23.00
C ASP B 405 24.90 9.59 -24.03
N ILE B 406 23.86 10.31 -23.60
CA ILE B 406 23.01 10.97 -24.58
C ILE B 406 23.76 12.12 -25.24
N TYR B 407 24.64 12.79 -24.50
CA TYR B 407 25.47 13.85 -25.09
C TYR B 407 26.53 13.27 -26.01
N ARG B 408 27.13 12.16 -25.58
CA ARG B 408 28.06 11.44 -26.43
C ARG B 408 27.41 11.09 -27.76
N LYS B 409 26.17 10.57 -27.71
CA LYS B 409 25.48 10.23 -28.97
C LYS B 409 25.15 11.47 -29.78
N TYR B 410 24.84 12.59 -29.12
CA TYR B 410 24.63 13.85 -29.84
C TYR B 410 25.90 14.32 -30.53
N SER B 411 27.05 14.24 -29.84
CA SER B 411 28.34 14.63 -30.43
C SER B 411 28.68 13.77 -31.65
N ALA B 412 28.62 12.44 -31.49
CA ALA B 412 28.90 11.58 -32.63
C ALA B 412 28.06 11.97 -33.84
N TRP B 413 26.78 12.29 -33.59
CA TRP B 413 25.88 12.66 -34.66
C TRP B 413 26.26 14.00 -35.26
N LYS B 414 26.72 14.94 -34.44
CA LYS B 414 27.12 16.26 -34.92
C LYS B 414 28.39 16.21 -35.77
N GLY B 415 29.06 15.06 -35.85
CA GLY B 415 30.19 14.86 -36.74
C GLY B 415 31.43 15.59 -36.27
N GLN B 416 32.48 15.46 -37.09
CA GLN B 416 33.68 16.30 -36.93
C GLN B 416 33.20 17.75 -36.97
N GLN B 417 33.17 18.39 -35.81
CA GLN B 417 32.63 19.74 -35.71
C GLN B 417 33.24 20.48 -34.51
#